data_3R5I
#
_entry.id   3R5I
#
_cell.length_a   92.100
_cell.length_b   92.100
_cell.length_c   143.788
_cell.angle_alpha   90.000
_cell.angle_beta   90.000
_cell.angle_gamma   120.000
#
_symmetry.space_group_name_H-M   'P 32 2 1'
#
loop_
_entity.id
_entity.type
_entity.pdbx_description
1 polymer 'Hemoglobin subunit alpha'
2 polymer 'Hemoglobin subunit beta'
3 non-polymer 'OXYGEN MOLECULE'
4 non-polymer 'PROTOPORPHYRIN IX CONTAINING FE'
5 non-polymer 5-methoxy-2-(pyridin-3-ylmethoxy)benzaldehyde
6 non-polymer 'SULFATE ION'
7 water water
#
loop_
_entity_poly.entity_id
_entity_poly.type
_entity_poly.pdbx_seq_one_letter_code
_entity_poly.pdbx_strand_id
1 'polypeptide(L)'
;VLSPADKTNVKAAWGKVGAHAGEYGAEALERMFLSFPTTKTYFPHFDLSHGSAQVKGHGKKVADALTNAVAHVDDMPNAL
SALSDLHAHKLRVDPVNFKLLSHCLLVTLAAHLPAEFTPAVHASLDKFLASVSTVLTSKYR
;
A,C
2 'polypeptide(L)'
;VHLTPEEKSAVTALWGKVNVDEVGGEALGRLLVVYPWTQRFFESFGDLSTPDAVMGNPKVKAHGKKVLGAFSDGLAHLDN
LKGTFATLSELHCDKLHVDPENFRLLGNVLVCVLAHHFGKEFTPPVQAAYQKVVAGVANALAHKYH
;
B,D
#
loop_
_chem_comp.id
_chem_comp.type
_chem_comp.name
_chem_comp.formula
3R5 non-polymer 5-methoxy-2-(pyridin-3-ylmethoxy)benzaldehyde 'C14 H13 N O3'
HEM non-polymer 'PROTOPORPHYRIN IX CONTAINING FE' 'C34 H32 Fe N4 O4'
OXY non-polymer 'OXYGEN MOLECULE' O2
SO4 non-polymer 'SULFATE ION' 'O4 S -2'
#
# COMPACT_ATOMS: atom_id res chain seq x y z
N VAL A 1 -7.20 9.18 10.02
CA VAL A 1 -8.01 9.91 10.97
C VAL A 1 -7.65 9.47 12.39
N LEU A 2 -7.02 10.37 13.15
CA LEU A 2 -6.60 10.07 14.51
C LEU A 2 -7.72 10.21 15.54
N SER A 3 -7.85 9.22 16.41
CA SER A 3 -8.87 9.26 17.44
C SER A 3 -8.34 10.17 18.55
N PRO A 4 -9.21 10.55 19.51
CA PRO A 4 -8.73 11.41 20.60
C PRO A 4 -7.71 10.60 21.39
N ALA A 5 -7.88 9.28 21.45
CA ALA A 5 -6.91 8.46 22.16
C ALA A 5 -5.54 8.46 21.46
N ASP A 6 -5.53 8.52 20.13
CA ASP A 6 -4.26 8.52 19.36
C ASP A 6 -3.47 9.78 19.64
N LYS A 7 -4.16 10.91 19.61
CA LYS A 7 -3.52 12.18 19.87
C LYS A 7 -2.90 12.15 21.24
N THR A 8 -3.61 11.64 22.23
CA THR A 8 -3.09 11.55 23.59
C THR A 8 -1.84 10.63 23.64
N ASN A 9 -1.90 9.50 22.96
CA ASN A 9 -0.77 8.58 22.92
C ASN A 9 0.44 9.20 22.22
N VAL A 10 0.19 9.80 21.07
CA VAL A 10 1.27 10.41 20.29
C VAL A 10 1.93 11.55 21.05
N LYS A 11 1.11 12.41 21.66
CA LYS A 11 1.64 13.52 22.41
C LYS A 11 2.46 13.04 23.60
N ALA A 12 1.97 12.03 24.31
CA ALA A 12 2.70 11.51 25.46
C ALA A 12 4.02 10.87 25.08
N ALA A 13 3.98 9.98 24.08
CA ALA A 13 5.17 9.27 23.62
C ALA A 13 6.19 10.17 22.95
N TRP A 14 5.76 10.92 21.94
CA TRP A 14 6.69 11.79 21.23
C TRP A 14 7.24 12.84 22.17
N GLY A 15 6.43 13.25 23.13
CA GLY A 15 6.86 14.25 24.09
C GLY A 15 8.10 13.80 24.87
N LYS A 16 8.23 12.49 25.07
CA LYS A 16 9.39 11.96 25.79
C LYS A 16 10.68 12.03 25.00
N VAL A 17 10.58 12.19 23.68
CA VAL A 17 11.76 12.28 22.86
C VAL A 17 12.49 13.57 23.19
N GLY A 18 11.73 14.66 23.22
CA GLY A 18 12.30 15.95 23.52
C GLY A 18 13.63 16.23 22.86
N ALA A 19 14.59 16.70 23.67
CA ALA A 19 15.92 17.05 23.22
C ALA A 19 16.66 15.94 22.50
N HIS A 20 16.10 14.74 22.50
CA HIS A 20 16.74 13.63 21.80
C HIS A 20 16.38 13.69 20.32
N ALA A 21 15.52 14.64 19.96
CA ALA A 21 15.05 14.81 18.59
C ALA A 21 16.03 14.56 17.46
N GLY A 22 17.07 15.38 17.39
CA GLY A 22 18.06 15.25 16.33
C GLY A 22 18.75 13.90 16.32
N GLU A 23 19.08 13.42 17.49
CA GLU A 23 19.75 12.14 17.59
C GLU A 23 18.82 11.04 17.08
N TYR A 24 17.61 10.99 17.59
CA TYR A 24 16.68 9.95 17.18
C TYR A 24 16.28 10.08 15.72
N GLY A 25 16.13 11.31 15.22
CA GLY A 25 15.77 11.52 13.82
C GLY A 25 16.90 11.00 12.94
N ALA A 26 18.13 11.29 13.34
CA ALA A 26 19.33 10.88 12.62
C ALA A 26 19.47 9.37 12.66
N GLU A 27 19.16 8.75 13.80
CA GLU A 27 19.26 7.30 13.88
C GLU A 27 18.20 6.66 12.96
N ALA A 28 17.00 7.24 12.89
CA ALA A 28 15.96 6.68 12.02
C ALA A 28 16.44 6.74 10.57
N LEU A 29 17.02 7.87 10.19
CA LEU A 29 17.53 8.05 8.83
C LEU A 29 18.58 7.01 8.52
N GLU A 30 19.56 6.87 9.42
CA GLU A 30 20.62 5.89 9.21
C GLU A 30 20.04 4.48 9.11
N ARG A 31 19.11 4.15 9.99
CA ARG A 31 18.50 2.83 9.92
C ARG A 31 17.86 2.67 8.54
N MET A 32 17.15 3.70 8.10
CA MET A 32 16.51 3.64 6.78
C MET A 32 17.54 3.46 5.66
N PHE A 33 18.61 4.26 5.68
CA PHE A 33 19.60 4.16 4.60
C PHE A 33 20.30 2.81 4.54
N LEU A 34 20.58 2.20 5.69
CA LEU A 34 21.23 0.89 5.74
C LEU A 34 20.27 -0.26 5.42
N SER A 35 19.06 -0.20 5.97
CA SER A 35 18.08 -1.25 5.72
C SER A 35 17.46 -1.26 4.31
N PHE A 36 17.34 -0.08 3.69
CA PHE A 36 16.74 0.05 2.37
C PHE A 36 17.56 1.06 1.57
N PRO A 37 18.72 0.62 1.05
CA PRO A 37 19.66 1.45 0.27
C PRO A 37 19.03 2.29 -0.84
N THR A 38 17.94 1.80 -1.42
CA THR A 38 17.27 2.56 -2.48
C THR A 38 16.88 3.97 -2.01
N THR A 39 16.64 4.14 -0.72
CA THR A 39 16.26 5.45 -0.18
C THR A 39 17.36 6.49 -0.36
N LYS A 40 18.59 6.03 -0.46
CA LYS A 40 19.74 6.93 -0.58
C LYS A 40 19.78 7.75 -1.86
N THR A 41 19.08 7.30 -2.87
CA THR A 41 19.08 8.04 -4.12
C THR A 41 18.44 9.42 -3.95
N TYR A 42 17.69 9.63 -2.89
CA TYR A 42 17.07 10.93 -2.70
C TYR A 42 18.03 11.95 -2.10
N PHE A 43 19.20 11.50 -1.66
CA PHE A 43 20.21 12.39 -1.04
C PHE A 43 21.62 12.26 -1.69
N PRO A 44 21.75 12.66 -2.96
CA PRO A 44 22.98 12.59 -3.76
C PRO A 44 24.21 13.29 -3.21
N HIS A 45 24.09 14.58 -2.94
CA HIS A 45 25.20 15.37 -2.43
C HIS A 45 25.45 15.12 -0.94
N PHE A 46 24.66 14.25 -0.32
CA PHE A 46 24.80 13.98 1.10
C PHE A 46 25.90 13.00 1.45
N ASP A 47 26.58 13.27 2.56
CA ASP A 47 27.61 12.37 3.10
C ASP A 47 26.72 11.46 3.94
N LEU A 48 26.56 10.21 3.52
CA LEU A 48 25.68 9.31 4.25
C LEU A 48 26.38 8.35 5.19
N SER A 49 27.71 8.46 5.29
CA SER A 49 28.51 7.58 6.15
C SER A 49 28.04 7.68 7.59
N HIS A 50 28.33 6.64 8.37
CA HIS A 50 27.92 6.61 9.77
C HIS A 50 28.47 7.81 10.53
N GLY A 51 27.63 8.47 11.31
CA GLY A 51 28.10 9.62 12.06
C GLY A 51 28.13 10.92 11.28
N SER A 52 27.75 10.87 10.00
CA SER A 52 27.73 12.06 9.15
C SER A 52 27.11 13.29 9.79
N ALA A 53 27.79 14.42 9.65
CA ALA A 53 27.28 15.67 10.21
C ALA A 53 26.02 16.08 9.45
N GLN A 54 25.99 15.78 8.14
CA GLN A 54 24.83 16.09 7.32
C GLN A 54 23.60 15.28 7.73
N VAL A 55 23.77 13.99 7.98
CA VAL A 55 22.62 13.17 8.39
C VAL A 55 22.13 13.67 9.74
N LYS A 56 23.05 13.94 10.67
CA LYS A 56 22.68 14.43 11.99
C LYS A 56 21.86 15.73 11.92
N GLY A 57 22.30 16.68 11.11
CA GLY A 57 21.56 17.91 10.99
C GLY A 57 20.22 17.65 10.31
N HIS A 58 20.20 16.81 9.28
CA HIS A 58 18.95 16.52 8.59
C HIS A 58 17.98 15.82 9.53
N GLY A 59 18.48 14.93 10.38
CA GLY A 59 17.62 14.23 11.30
C GLY A 59 16.95 15.17 12.27
N LYS A 60 17.65 16.25 12.66
CA LYS A 60 17.06 17.20 13.60
C LYS A 60 15.90 17.91 12.91
N LYS A 61 16.04 18.19 11.62
CA LYS A 61 14.95 18.86 10.87
C LYS A 61 13.75 17.93 10.78
N VAL A 62 13.99 16.68 10.42
CA VAL A 62 12.92 15.71 10.33
C VAL A 62 12.20 15.59 11.67
N ALA A 63 12.97 15.43 12.74
CA ALA A 63 12.38 15.27 14.08
C ALA A 63 11.58 16.49 14.55
N ASP A 64 12.07 17.69 14.23
CA ASP A 64 11.35 18.91 14.64
C ASP A 64 10.05 19.13 13.85
N ALA A 65 10.02 18.75 12.57
CA ALA A 65 8.81 18.86 11.77
C ALA A 65 7.77 17.95 12.42
N LEU A 66 8.19 16.74 12.81
CA LEU A 66 7.29 15.80 13.47
C LEU A 66 6.74 16.43 14.76
N THR A 67 7.58 17.16 15.48
CA THR A 67 7.15 17.80 16.71
C THR A 67 6.09 18.84 16.34
N ASN A 68 6.35 19.57 15.29
CA ASN A 68 5.41 20.57 14.82
C ASN A 68 4.11 19.93 14.35
N ALA A 69 4.21 18.76 13.73
CA ALA A 69 3.02 18.05 13.26
C ALA A 69 2.18 17.61 14.46
N VAL A 70 2.86 17.14 15.52
CA VAL A 70 2.18 16.70 16.73
C VAL A 70 1.44 17.88 17.36
N ALA A 71 2.02 19.07 17.22
CA ALA A 71 1.41 20.29 17.76
C ALA A 71 0.15 20.65 16.97
N HIS A 72 0.23 20.57 15.64
CA HIS A 72 -0.90 20.88 14.80
C HIS A 72 -1.53 19.62 14.26
N VAL A 73 -1.67 18.59 15.09
CA VAL A 73 -2.26 17.34 14.62
C VAL A 73 -3.70 17.56 14.16
N ASP A 74 -4.34 18.61 14.68
CA ASP A 74 -5.71 18.88 14.28
C ASP A 74 -5.83 19.76 13.04
N ASP A 75 -4.71 20.03 12.38
CA ASP A 75 -4.71 20.82 11.15
C ASP A 75 -3.39 20.65 10.46
N MET A 76 -2.99 19.40 10.19
CA MET A 76 -1.71 19.08 9.56
C MET A 76 -1.49 19.60 8.14
N PRO A 77 -2.53 19.53 7.29
CA PRO A 77 -2.37 20.01 5.91
C PRO A 77 -1.86 21.44 5.87
N ASN A 78 -2.51 22.33 6.61
CA ASN A 78 -2.07 23.73 6.63
C ASN A 78 -0.65 23.85 7.21
N ALA A 79 -0.42 23.25 8.38
CA ALA A 79 0.89 23.28 9.03
C ALA A 79 2.07 22.74 8.20
N LEU A 80 1.83 21.65 7.49
CA LEU A 80 2.85 21.02 6.69
C LEU A 80 2.81 21.39 5.18
N SER A 81 2.00 22.38 4.81
CA SER A 81 1.89 22.81 3.42
C SER A 81 3.23 22.93 2.70
N ALA A 82 4.16 23.65 3.29
CA ALA A 82 5.46 23.81 2.65
C ALA A 82 6.21 22.48 2.54
N LEU A 83 6.21 21.67 3.60
CA LEU A 83 6.91 20.39 3.52
C LEU A 83 6.23 19.45 2.54
N SER A 84 4.92 19.60 2.39
CA SER A 84 4.20 18.76 1.43
C SER A 84 4.62 19.20 0.01
N ASP A 85 4.68 20.51 -0.22
CA ASP A 85 5.07 20.99 -1.53
C ASP A 85 6.48 20.47 -1.85
N LEU A 86 7.38 20.53 -0.86
CA LEU A 86 8.76 20.05 -1.02
C LEU A 86 8.83 18.60 -1.46
N HIS A 87 8.17 17.71 -0.72
CA HIS A 87 8.25 16.28 -1.02
C HIS A 87 7.37 15.76 -2.15
N ALA A 88 6.19 16.33 -2.28
CA ALA A 88 5.22 15.89 -3.27
C ALA A 88 5.46 16.50 -4.62
N HIS A 89 5.61 17.82 -4.67
CA HIS A 89 5.83 18.49 -5.94
C HIS A 89 7.27 18.61 -6.39
N LYS A 90 8.16 19.05 -5.51
CA LYS A 90 9.56 19.23 -5.89
C LYS A 90 10.38 17.98 -5.93
N LEU A 91 10.36 17.20 -4.86
CA LEU A 91 11.16 15.98 -4.79
C LEU A 91 10.49 14.72 -5.36
N ARG A 92 9.16 14.72 -5.49
CA ARG A 92 8.40 13.57 -6.01
C ARG A 92 8.80 12.23 -5.35
N VAL A 93 8.87 12.25 -4.03
CA VAL A 93 9.25 11.06 -3.30
C VAL A 93 8.19 9.96 -3.49
N ASP A 94 8.62 8.78 -3.91
CA ASP A 94 7.68 7.68 -4.07
C ASP A 94 7.13 7.38 -2.66
N PRO A 95 5.81 7.27 -2.52
CA PRO A 95 5.11 7.00 -1.27
C PRO A 95 5.68 5.83 -0.46
N VAL A 96 6.26 4.83 -1.14
CA VAL A 96 6.79 3.67 -0.42
C VAL A 96 7.88 4.08 0.57
N ASN A 97 8.68 5.06 0.21
CA ASN A 97 9.76 5.53 1.06
C ASN A 97 9.29 6.06 2.41
N PHE A 98 8.13 6.70 2.43
CA PHE A 98 7.58 7.20 3.68
C PHE A 98 7.27 6.04 4.64
N LYS A 99 6.82 4.89 4.12
CA LYS A 99 6.52 3.75 4.99
C LYS A 99 7.82 3.23 5.57
N LEU A 100 8.87 3.28 4.77
CA LEU A 100 10.15 2.79 5.25
C LEU A 100 10.69 3.67 6.38
N LEU A 101 10.68 5.00 6.20
CA LEU A 101 11.18 5.90 7.24
C LEU A 101 10.28 5.78 8.45
N SER A 102 8.97 5.81 8.23
CA SER A 102 8.01 5.68 9.34
C SER A 102 8.36 4.45 10.18
N HIS A 103 8.50 3.30 9.52
CA HIS A 103 8.88 2.06 10.19
C HIS A 103 10.22 2.26 10.94
N CYS A 104 11.18 2.95 10.33
CA CYS A 104 12.48 3.18 10.98
C CYS A 104 12.37 4.08 12.19
N LEU A 105 11.43 5.01 12.17
CA LEU A 105 11.17 5.86 13.32
C LEU A 105 10.56 5.00 14.45
N LEU A 106 9.59 4.14 14.11
CA LEU A 106 9.00 3.28 15.15
C LEU A 106 10.09 2.38 15.77
N VAL A 107 10.99 1.87 14.94
CA VAL A 107 12.04 1.01 15.47
C VAL A 107 12.91 1.81 16.45
N THR A 108 13.27 3.04 16.05
CA THR A 108 14.10 3.89 16.87
C THR A 108 13.41 4.23 18.21
N LEU A 109 12.16 4.63 18.16
CA LEU A 109 11.41 4.92 19.38
C LEU A 109 11.39 3.70 20.29
N ALA A 110 11.20 2.51 19.71
CA ALA A 110 11.12 1.28 20.50
C ALA A 110 12.42 0.90 21.17
N ALA A 111 13.52 1.13 20.48
CA ALA A 111 14.85 0.83 20.96
C ALA A 111 15.29 1.77 22.10
N HIS A 112 14.67 2.95 22.15
CA HIS A 112 15.00 3.96 23.15
C HIS A 112 13.92 4.16 24.21
N LEU A 113 12.67 3.80 23.91
CA LEU A 113 11.57 4.00 24.86
C LEU A 113 10.74 2.76 25.18
N PRO A 114 11.38 1.73 25.75
CA PRO A 114 10.73 0.47 26.11
C PRO A 114 9.44 0.59 26.92
N ALA A 115 9.41 1.47 27.90
CA ALA A 115 8.20 1.65 28.72
C ALA A 115 7.08 2.36 27.97
N GLU A 116 7.42 3.35 27.18
CA GLU A 116 6.40 4.07 26.43
C GLU A 116 5.85 3.33 25.21
N PHE A 117 6.66 2.47 24.59
CA PHE A 117 6.24 1.78 23.37
C PHE A 117 5.31 0.56 23.58
N THR A 118 4.14 0.80 24.16
CA THR A 118 3.16 -0.26 24.40
C THR A 118 2.44 -0.54 23.10
N PRO A 119 1.72 -1.67 23.02
CA PRO A 119 1.01 -1.96 21.77
C PRO A 119 0.11 -0.82 21.33
N ALA A 120 -0.63 -0.24 22.28
CA ALA A 120 -1.52 0.88 21.95
C ALA A 120 -0.79 2.14 21.47
N VAL A 121 0.34 2.47 22.07
CA VAL A 121 1.06 3.66 21.65
C VAL A 121 1.72 3.40 20.30
N HIS A 122 2.21 2.17 20.12
CA HIS A 122 2.84 1.71 18.89
C HIS A 122 1.80 1.98 17.79
N ALA A 123 0.57 1.56 18.05
CA ALA A 123 -0.54 1.71 17.13
C ALA A 123 -0.84 3.16 16.76
N SER A 124 -0.90 4.02 17.77
CA SER A 124 -1.22 5.43 17.51
C SER A 124 -0.08 6.09 16.74
N LEU A 125 1.16 5.73 17.09
CA LEU A 125 2.29 6.34 16.40
C LEU A 125 2.32 5.95 14.91
N ASP A 126 2.02 4.68 14.63
CA ASP A 126 1.99 4.20 13.24
C ASP A 126 0.95 4.98 12.44
N LYS A 127 -0.22 5.11 13.03
CA LYS A 127 -1.34 5.84 12.43
C LYS A 127 -0.94 7.29 12.18
N PHE A 128 -0.30 7.90 13.18
CA PHE A 128 0.16 9.29 13.09
C PHE A 128 1.20 9.48 11.98
N LEU A 129 2.18 8.57 11.90
CA LEU A 129 3.21 8.72 10.85
C LEU A 129 2.58 8.49 9.48
N ALA A 130 1.58 7.61 9.40
CA ALA A 130 0.91 7.31 8.15
C ALA A 130 0.14 8.55 7.71
N SER A 131 -0.43 9.26 8.67
CA SER A 131 -1.19 10.48 8.38
C SER A 131 -0.23 11.57 7.89
N VAL A 132 0.92 11.68 8.55
CA VAL A 132 1.91 12.67 8.16
C VAL A 132 2.40 12.32 6.75
N SER A 133 2.61 11.03 6.51
CA SER A 133 3.09 10.58 5.20
C SER A 133 2.09 10.90 4.09
N THR A 134 0.81 10.69 4.35
CA THR A 134 -0.22 10.99 3.36
C THR A 134 -0.22 12.49 3.02
N VAL A 135 -0.13 13.34 4.03
CA VAL A 135 -0.13 14.77 3.80
C VAL A 135 1.11 15.17 2.99
N LEU A 136 2.26 14.62 3.36
CA LEU A 136 3.49 14.98 2.68
C LEU A 136 3.57 14.48 1.23
N THR A 137 2.80 13.45 0.90
CA THR A 137 2.80 12.89 -0.46
C THR A 137 1.64 13.41 -1.34
N SER A 138 0.76 14.23 -0.74
CA SER A 138 -0.41 14.80 -1.41
C SER A 138 -0.16 16.21 -1.93
N LYS A 139 -0.68 16.49 -3.12
CA LYS A 139 -0.54 17.82 -3.70
C LYS A 139 -1.91 18.49 -3.55
N TYR A 140 -2.05 19.29 -2.49
CA TYR A 140 -3.31 19.99 -2.22
C TYR A 140 -3.08 21.49 -2.31
N ARG A 141 -1.98 21.83 -2.97
CA ARG A 141 -1.57 23.21 -3.14
C ARG A 141 -2.13 23.71 -4.48
N VAL B 1 17.68 -15.23 0.26
CA VAL B 1 18.19 -14.05 1.01
C VAL B 1 19.71 -14.14 1.15
N HIS B 2 20.39 -13.03 0.89
CA HIS B 2 21.84 -12.99 0.98
C HIS B 2 22.31 -12.22 2.20
N LEU B 3 22.74 -12.93 3.23
CA LEU B 3 23.25 -12.30 4.43
C LEU B 3 24.75 -12.53 4.40
N THR B 4 25.52 -11.45 4.46
CA THR B 4 26.96 -11.57 4.47
C THR B 4 27.32 -12.44 5.69
N PRO B 5 28.58 -12.90 5.76
CA PRO B 5 29.01 -13.73 6.89
C PRO B 5 28.81 -13.00 8.22
N GLU B 6 29.17 -11.72 8.23
CA GLU B 6 29.05 -10.90 9.42
C GLU B 6 27.58 -10.71 9.84
N GLU B 7 26.70 -10.59 8.86
CA GLU B 7 25.29 -10.40 9.14
C GLU B 7 24.71 -11.68 9.75
N LYS B 8 25.07 -12.82 9.16
CA LYS B 8 24.61 -14.13 9.62
C LYS B 8 24.95 -14.36 11.10
N SER B 9 26.14 -13.96 11.52
CA SER B 9 26.51 -14.16 12.90
C SER B 9 25.76 -13.20 13.81
N ALA B 10 25.56 -11.97 13.37
CA ALA B 10 24.84 -10.99 14.17
C ALA B 10 23.39 -11.46 14.37
N VAL B 11 22.80 -11.99 13.31
CA VAL B 11 21.43 -12.48 13.37
C VAL B 11 21.29 -13.67 14.29
N THR B 12 22.23 -14.62 14.18
CA THR B 12 22.22 -15.83 15.00
C THR B 12 22.48 -15.50 16.47
N ALA B 13 23.45 -14.64 16.70
CA ALA B 13 23.80 -14.25 18.05
C ALA B 13 22.58 -13.66 18.74
N LEU B 14 21.93 -12.71 18.07
CA LEU B 14 20.76 -12.06 18.65
C LEU B 14 19.63 -13.05 18.88
N TRP B 15 19.37 -13.88 17.88
CA TRP B 15 18.26 -14.81 17.97
C TRP B 15 18.46 -15.80 19.09
N GLY B 16 19.72 -16.04 19.42
CA GLY B 16 20.03 -16.96 20.48
C GLY B 16 19.48 -16.47 21.81
N LYS B 17 19.33 -15.16 21.96
CA LYS B 17 18.85 -14.60 23.21
C LYS B 17 17.34 -14.37 23.27
N VAL B 18 16.65 -14.62 22.16
CA VAL B 18 15.20 -14.41 22.10
C VAL B 18 14.38 -15.38 22.93
N ASN B 19 13.46 -14.86 23.73
CA ASN B 19 12.60 -15.71 24.54
C ASN B 19 11.59 -16.34 23.58
N VAL B 20 11.85 -17.57 23.19
CA VAL B 20 11.00 -18.30 22.27
C VAL B 20 9.56 -18.54 22.75
N ASP B 21 9.25 -18.22 24.00
CA ASP B 21 7.89 -18.43 24.51
C ASP B 21 7.09 -17.13 24.55
N GLU B 22 7.75 -16.01 24.31
CA GLU B 22 7.09 -14.72 24.37
C GLU B 22 7.15 -13.85 23.10
N VAL B 23 8.30 -13.80 22.43
CA VAL B 23 8.44 -12.94 21.26
C VAL B 23 7.45 -13.17 20.10
N GLY B 24 7.05 -14.42 19.87
CA GLY B 24 6.09 -14.69 18.82
C GLY B 24 4.70 -14.15 19.17
N GLY B 25 4.31 -14.27 20.44
CA GLY B 25 3.01 -13.79 20.88
C GLY B 25 2.97 -12.27 20.87
N GLU B 26 4.06 -11.65 21.31
CA GLU B 26 4.18 -10.22 21.31
C GLU B 26 3.97 -9.69 19.88
N ALA B 27 4.68 -10.30 18.93
CA ALA B 27 4.60 -9.92 17.52
C ALA B 27 3.24 -10.16 16.90
N LEU B 28 2.68 -11.36 17.08
CA LEU B 28 1.35 -11.64 16.53
C LEU B 28 0.35 -10.73 17.24
N GLY B 29 0.55 -10.54 18.54
CA GLY B 29 -0.33 -9.65 19.29
C GLY B 29 -0.32 -8.21 18.78
N ARG B 30 0.87 -7.62 18.62
CA ARG B 30 0.98 -6.25 18.12
C ARG B 30 0.39 -6.12 16.69
N LEU B 31 0.53 -7.17 15.90
CA LEU B 31 -0.01 -7.09 14.55
C LEU B 31 -1.52 -6.83 14.65
N LEU B 32 -2.21 -7.62 15.47
CA LEU B 32 -3.67 -7.48 15.66
C LEU B 32 -4.10 -6.17 16.32
N VAL B 33 -3.21 -5.55 17.09
CA VAL B 33 -3.55 -4.28 17.71
C VAL B 33 -3.24 -3.14 16.73
N VAL B 34 -2.08 -3.20 16.07
CA VAL B 34 -1.70 -2.14 15.13
C VAL B 34 -2.45 -2.14 13.79
N TYR B 35 -2.78 -3.33 13.29
CA TYR B 35 -3.50 -3.45 12.03
C TYR B 35 -4.68 -4.35 12.38
N PRO B 36 -5.72 -3.76 13.02
CA PRO B 36 -6.95 -4.44 13.47
C PRO B 36 -7.66 -5.33 12.50
N TRP B 37 -7.63 -5.00 11.21
CA TRP B 37 -8.33 -5.81 10.24
C TRP B 37 -7.77 -7.23 10.23
N THR B 38 -6.53 -7.40 10.67
CA THR B 38 -5.96 -8.77 10.67
C THR B 38 -6.67 -9.69 11.69
N GLN B 39 -7.43 -9.11 12.62
CA GLN B 39 -8.17 -9.87 13.62
C GLN B 39 -9.25 -10.72 12.95
N ARG B 40 -9.70 -10.27 11.80
CA ARG B 40 -10.73 -10.98 11.06
C ARG B 40 -10.27 -12.40 10.81
N PHE B 41 -8.96 -12.61 10.64
CA PHE B 41 -8.42 -13.93 10.41
C PHE B 41 -8.33 -14.77 11.68
N PHE B 42 -8.51 -14.15 12.84
CA PHE B 42 -8.34 -14.88 14.08
C PHE B 42 -9.52 -14.86 15.04
N GLU B 43 -10.72 -14.68 14.51
CA GLU B 43 -11.90 -14.63 15.35
C GLU B 43 -12.03 -15.83 16.29
N SER B 44 -11.52 -16.98 15.87
CA SER B 44 -11.63 -18.18 16.71
C SER B 44 -10.79 -18.13 17.98
N PHE B 45 -9.93 -17.13 18.10
CA PHE B 45 -9.10 -16.96 19.30
C PHE B 45 -9.87 -16.37 20.48
N GLY B 46 -11.09 -15.90 20.24
CA GLY B 46 -11.89 -15.33 21.31
C GLY B 46 -11.85 -13.81 21.49
N ASP B 47 -11.66 -13.37 22.73
CA ASP B 47 -11.64 -11.94 23.02
C ASP B 47 -10.40 -11.18 22.52
N LEU B 48 -10.61 -10.32 21.53
CA LEU B 48 -9.55 -9.48 20.96
C LEU B 48 -10.10 -8.05 20.93
N SER B 49 -11.02 -7.77 21.85
CA SER B 49 -11.72 -6.49 21.87
C SER B 49 -10.93 -5.26 22.26
N THR B 50 -9.78 -5.44 22.91
CA THR B 50 -8.96 -4.31 23.32
C THR B 50 -7.49 -4.71 23.26
N PRO B 51 -6.59 -3.72 23.25
CA PRO B 51 -5.16 -4.01 23.20
C PRO B 51 -4.77 -5.01 24.27
N ASP B 52 -5.14 -4.74 25.53
CA ASP B 52 -4.83 -5.66 26.66
C ASP B 52 -5.45 -7.04 26.48
N ALA B 53 -6.68 -7.10 25.98
CA ALA B 53 -7.31 -8.40 25.76
C ALA B 53 -6.49 -9.20 24.71
N VAL B 54 -6.03 -8.52 23.66
CA VAL B 54 -5.26 -9.18 22.61
C VAL B 54 -3.94 -9.68 23.15
N MET B 55 -3.19 -8.79 23.80
CA MET B 55 -1.88 -9.13 24.35
C MET B 55 -1.95 -10.23 25.41
N GLY B 56 -3.03 -10.26 26.18
CA GLY B 56 -3.17 -11.29 27.20
C GLY B 56 -3.96 -12.53 26.76
N ASN B 57 -4.36 -12.58 25.49
CA ASN B 57 -5.12 -13.73 24.99
C ASN B 57 -4.23 -14.98 24.83
N PRO B 58 -4.54 -16.05 25.57
CA PRO B 58 -3.78 -17.31 25.53
C PRO B 58 -3.58 -17.91 24.14
N LYS B 59 -4.60 -17.84 23.28
CA LYS B 59 -4.47 -18.41 21.93
C LYS B 59 -3.56 -17.54 21.07
N VAL B 60 -3.49 -16.25 21.38
CA VAL B 60 -2.60 -15.37 20.64
C VAL B 60 -1.18 -15.79 21.00
N LYS B 61 -0.91 -15.95 22.30
CA LYS B 61 0.43 -16.34 22.75
C LYS B 61 0.87 -17.72 22.22
N ALA B 62 -0.03 -18.69 22.26
CA ALA B 62 0.29 -20.05 21.79
C ALA B 62 0.56 -20.05 20.29
N HIS B 63 -0.31 -19.42 19.52
CA HIS B 63 -0.09 -19.37 18.08
C HIS B 63 1.19 -18.60 17.76
N GLY B 64 1.51 -17.62 18.61
CA GLY B 64 2.71 -16.82 18.44
C GLY B 64 3.95 -17.70 18.42
N LYS B 65 3.96 -18.72 19.27
CA LYS B 65 5.09 -19.67 19.36
C LYS B 65 5.31 -20.38 18.02
N LYS B 66 4.24 -20.84 17.41
CA LYS B 66 4.35 -21.51 16.12
C LYS B 66 4.94 -20.56 15.09
N VAL B 67 4.44 -19.33 15.06
CA VAL B 67 4.94 -18.31 14.13
C VAL B 67 6.44 -18.09 14.31
N LEU B 68 6.86 -17.89 15.55
CA LEU B 68 8.28 -17.65 15.80
C LEU B 68 9.09 -18.84 15.33
N GLY B 69 8.57 -20.04 15.59
CA GLY B 69 9.28 -21.25 15.16
C GLY B 69 9.51 -21.25 13.66
N ALA B 70 8.53 -20.76 12.89
CA ALA B 70 8.65 -20.72 11.44
C ALA B 70 9.77 -19.74 11.06
N PHE B 71 9.86 -18.63 11.77
CA PHE B 71 10.94 -17.68 11.46
C PHE B 71 12.27 -18.37 11.78
N SER B 72 12.32 -19.11 12.89
CA SER B 72 13.55 -19.80 13.27
C SER B 72 14.00 -20.75 12.15
N ASP B 73 13.06 -21.50 11.60
CA ASP B 73 13.35 -22.41 10.51
C ASP B 73 13.92 -21.65 9.33
N GLY B 74 13.30 -20.52 9.02
CA GLY B 74 13.78 -19.72 7.91
C GLY B 74 15.23 -19.37 8.13
N LEU B 75 15.56 -18.98 9.36
CA LEU B 75 16.92 -18.61 9.72
C LEU B 75 17.91 -19.75 9.51
N ALA B 76 17.45 -20.98 9.68
CA ALA B 76 18.32 -22.15 9.50
C ALA B 76 18.39 -22.63 8.04
N HIS B 77 17.67 -21.95 7.15
CA HIS B 77 17.64 -22.32 5.74
C HIS B 77 17.48 -21.10 4.86
N LEU B 78 18.25 -20.04 5.12
CA LEU B 78 18.17 -18.81 4.33
C LEU B 78 18.51 -19.15 2.89
N ASP B 79 19.15 -20.31 2.74
CA ASP B 79 19.59 -20.88 1.47
C ASP B 79 18.37 -21.35 0.68
N ASN B 80 17.41 -21.96 1.38
CA ASN B 80 16.20 -22.46 0.77
C ASN B 80 14.98 -21.93 1.51
N LEU B 81 14.74 -20.63 1.39
CA LEU B 81 13.62 -20.03 2.08
C LEU B 81 12.30 -20.42 1.43
N LYS B 82 12.17 -20.21 0.12
CA LYS B 82 10.91 -20.51 -0.54
C LYS B 82 10.51 -21.99 -0.42
N GLY B 83 11.50 -22.87 -0.33
CA GLY B 83 11.19 -24.27 -0.18
C GLY B 83 10.67 -24.52 1.23
N THR B 84 11.44 -24.04 2.21
CA THR B 84 11.10 -24.19 3.62
C THR B 84 9.64 -23.80 3.93
N PHE B 85 9.14 -22.75 3.29
CA PHE B 85 7.80 -22.23 3.51
C PHE B 85 6.73 -22.64 2.47
N ALA B 86 7.05 -23.62 1.62
CA ALA B 86 6.12 -24.07 0.59
C ALA B 86 4.76 -24.46 1.15
N THR B 87 4.77 -25.25 2.22
CA THR B 87 3.53 -25.72 2.83
C THR B 87 2.76 -24.59 3.50
N LEU B 88 3.45 -23.69 4.19
CA LEU B 88 2.78 -22.58 4.82
C LEU B 88 2.23 -21.62 3.74
N SER B 89 2.93 -21.54 2.62
CA SER B 89 2.50 -20.68 1.52
C SER B 89 1.14 -21.10 0.95
N GLU B 90 0.91 -22.40 0.82
CA GLU B 90 -0.37 -22.88 0.32
C GLU B 90 -1.47 -22.52 1.31
N LEU B 91 -1.19 -22.72 2.60
CA LEU B 91 -2.15 -22.42 3.66
C LEU B 91 -2.58 -20.95 3.65
N HIS B 92 -1.59 -20.06 3.70
CA HIS B 92 -1.86 -18.61 3.72
C HIS B 92 -2.40 -18.00 2.43
N CYS B 93 -1.97 -18.52 1.28
CA CYS B 93 -2.43 -17.98 -0.01
C CYS B 93 -3.66 -18.67 -0.58
N ASP B 94 -3.59 -19.98 -0.80
CA ASP B 94 -4.73 -20.71 -1.37
C ASP B 94 -5.91 -20.93 -0.43
N LYS B 95 -5.66 -21.06 0.87
CA LYS B 95 -6.74 -21.32 1.80
C LYS B 95 -7.25 -20.11 2.59
N LEU B 96 -6.33 -19.32 3.14
CA LEU B 96 -6.73 -18.14 3.92
C LEU B 96 -6.86 -16.86 3.11
N HIS B 97 -6.18 -16.80 1.97
CA HIS B 97 -6.18 -15.62 1.12
C HIS B 97 -5.76 -14.35 1.86
N VAL B 98 -4.69 -14.46 2.63
CA VAL B 98 -4.16 -13.32 3.37
C VAL B 98 -3.43 -12.49 2.30
N ASP B 99 -3.76 -11.21 2.20
CA ASP B 99 -3.11 -10.34 1.24
C ASP B 99 -1.63 -10.30 1.60
N PRO B 100 -0.74 -10.48 0.61
CA PRO B 100 0.71 -10.48 0.79
C PRO B 100 1.28 -9.33 1.62
N GLU B 101 0.65 -8.17 1.55
CA GLU B 101 1.10 -7.01 2.33
C GLU B 101 1.08 -7.29 3.85
N ASN B 102 0.18 -8.16 4.30
CA ASN B 102 0.10 -8.48 5.73
C ASN B 102 1.34 -9.24 6.17
N PHE B 103 1.93 -10.03 5.29
CA PHE B 103 3.14 -10.77 5.64
C PHE B 103 4.27 -9.78 5.92
N ARG B 104 4.32 -8.70 5.14
CA ARG B 104 5.35 -7.70 5.31
C ARG B 104 5.14 -6.96 6.62
N LEU B 105 3.87 -6.73 6.95
CA LEU B 105 3.56 -6.03 8.20
C LEU B 105 3.98 -6.87 9.41
N LEU B 106 3.72 -8.18 9.39
CA LEU B 106 4.12 -8.99 10.54
C LEU B 106 5.64 -9.02 10.65
N GLY B 107 6.32 -9.12 9.52
CA GLY B 107 7.78 -9.13 9.58
C GLY B 107 8.25 -7.84 10.25
N ASN B 108 7.72 -6.71 9.82
CA ASN B 108 8.14 -5.45 10.40
C ASN B 108 7.72 -5.27 11.85
N VAL B 109 6.59 -5.86 12.23
CA VAL B 109 6.14 -5.78 13.60
C VAL B 109 7.14 -6.61 14.43
N LEU B 110 7.61 -7.74 13.88
CA LEU B 110 8.59 -8.57 14.59
C LEU B 110 9.84 -7.76 14.83
N VAL B 111 10.25 -6.99 13.83
CA VAL B 111 11.45 -6.16 13.96
C VAL B 111 11.28 -5.10 15.04
N CYS B 112 10.07 -4.58 15.18
CA CYS B 112 9.81 -3.58 16.22
C CYS B 112 9.90 -4.27 17.59
N VAL B 113 9.47 -5.54 17.66
CA VAL B 113 9.50 -6.31 18.91
C VAL B 113 10.94 -6.57 19.34
N LEU B 114 11.81 -6.93 18.39
CA LEU B 114 13.22 -7.16 18.70
C LEU B 114 13.88 -5.86 19.20
N ALA B 115 13.58 -4.74 18.55
CA ALA B 115 14.16 -3.48 18.97
C ALA B 115 13.70 -3.16 20.39
N HIS B 116 12.41 -3.33 20.63
CA HIS B 116 11.81 -3.07 21.93
C HIS B 116 12.49 -3.90 23.02
N HIS B 117 12.70 -5.19 22.74
CA HIS B 117 13.32 -6.11 23.68
C HIS B 117 14.84 -5.93 23.86
N PHE B 118 15.55 -5.73 22.77
CA PHE B 118 17.00 -5.59 22.83
C PHE B 118 17.55 -4.17 22.90
N GLY B 119 16.69 -3.17 22.71
CA GLY B 119 17.16 -1.80 22.79
C GLY B 119 18.36 -1.46 21.93
N LYS B 120 19.35 -0.80 22.54
CA LYS B 120 20.54 -0.36 21.82
C LYS B 120 21.35 -1.47 21.15
N GLU B 121 21.12 -2.71 21.54
CA GLU B 121 21.84 -3.86 20.97
C GLU B 121 21.33 -4.13 19.56
N PHE B 122 20.09 -3.74 19.29
CA PHE B 122 19.50 -3.94 17.97
C PHE B 122 19.96 -2.73 17.16
N THR B 123 21.24 -2.71 16.83
CA THR B 123 21.80 -1.58 16.10
C THR B 123 21.29 -1.49 14.66
N PRO B 124 21.59 -0.36 13.99
CA PRO B 124 21.15 -0.19 12.59
C PRO B 124 21.61 -1.35 11.71
N PRO B 125 22.88 -1.79 11.87
CA PRO B 125 23.34 -2.91 11.02
C PRO B 125 22.65 -4.25 11.27
N VAL B 126 22.39 -4.56 12.54
CA VAL B 126 21.70 -5.80 12.87
C VAL B 126 20.27 -5.71 12.28
N GLN B 127 19.67 -4.53 12.36
CA GLN B 127 18.33 -4.34 11.81
C GLN B 127 18.38 -4.57 10.29
N ALA B 128 19.39 -4.00 9.63
CA ALA B 128 19.51 -4.17 8.19
C ALA B 128 19.52 -5.65 7.84
N ALA B 129 20.24 -6.45 8.64
CA ALA B 129 20.29 -7.88 8.38
C ALA B 129 18.91 -8.51 8.57
N TYR B 130 18.25 -8.21 9.70
CA TYR B 130 16.93 -8.77 9.97
C TYR B 130 15.91 -8.36 8.93
N GLN B 131 16.04 -7.17 8.40
CA GLN B 131 15.06 -6.77 7.39
C GLN B 131 15.17 -7.71 6.20
N LYS B 132 16.37 -8.17 5.88
CA LYS B 132 16.53 -9.07 4.75
C LYS B 132 15.84 -10.37 5.08
N VAL B 133 16.05 -10.84 6.30
CA VAL B 133 15.45 -12.08 6.73
C VAL B 133 13.93 -12.03 6.62
N VAL B 134 13.28 -11.06 7.27
CA VAL B 134 11.82 -11.03 7.19
C VAL B 134 11.32 -10.72 5.79
N ALA B 135 12.12 -10.06 4.97
CA ALA B 135 11.66 -9.74 3.60
C ALA B 135 11.64 -11.05 2.83
N GLY B 136 12.65 -11.89 3.07
CA GLY B 136 12.71 -13.16 2.39
C GLY B 136 11.59 -14.07 2.88
N VAL B 137 11.34 -14.06 4.19
CA VAL B 137 10.29 -14.90 4.74
C VAL B 137 8.94 -14.51 4.12
N ALA B 138 8.67 -13.22 4.05
CA ALA B 138 7.43 -12.72 3.49
C ALA B 138 7.28 -13.13 2.01
N ASN B 139 8.37 -13.00 1.25
CA ASN B 139 8.34 -13.35 -0.17
C ASN B 139 8.13 -14.85 -0.37
N ALA B 140 8.73 -15.65 0.50
CA ALA B 140 8.59 -17.10 0.42
C ALA B 140 7.16 -17.52 0.72
N LEU B 141 6.47 -16.81 1.60
CA LEU B 141 5.10 -17.16 1.90
C LEU B 141 4.12 -16.71 0.81
N ALA B 142 4.48 -15.64 0.11
CA ALA B 142 3.63 -15.11 -0.95
C ALA B 142 3.84 -15.84 -2.28
N HIS B 143 4.95 -16.56 -2.39
CA HIS B 143 5.29 -17.30 -3.60
C HIS B 143 4.13 -17.98 -4.34
N LYS B 144 3.22 -18.64 -3.62
CA LYS B 144 2.09 -19.32 -4.26
C LYS B 144 1.22 -18.42 -5.13
N TYR B 145 1.17 -17.13 -4.79
CA TYR B 145 0.39 -16.15 -5.55
C TYR B 145 1.04 -15.87 -6.90
N HIS B 146 2.35 -15.66 -6.87
CA HIS B 146 3.17 -15.33 -8.05
C HIS B 146 3.16 -16.39 -9.18
N VAL C 1 -5.49 14.40 0.94
CA VAL C 1 -5.85 15.80 1.06
C VAL C 1 -6.22 16.31 -0.32
N LEU C 2 -7.50 16.62 -0.50
CA LEU C 2 -8.00 17.15 -1.76
C LEU C 2 -7.72 18.66 -1.89
N SER C 3 -7.16 19.06 -3.04
CA SER C 3 -6.89 20.47 -3.29
C SER C 3 -8.21 21.12 -3.73
N PRO C 4 -8.24 22.45 -3.85
CA PRO C 4 -9.47 23.14 -4.28
C PRO C 4 -9.88 22.63 -5.65
N ALA C 5 -8.92 22.36 -6.52
CA ALA C 5 -9.24 21.85 -7.86
C ALA C 5 -9.87 20.45 -7.82
N ASP C 6 -9.35 19.58 -6.94
CA ASP C 6 -9.89 18.22 -6.83
C ASP C 6 -11.36 18.30 -6.45
N LYS C 7 -11.66 19.14 -5.47
CA LYS C 7 -13.03 19.30 -4.99
C LYS C 7 -13.95 19.74 -6.11
N THR C 8 -13.49 20.68 -6.92
CA THR C 8 -14.28 21.16 -8.03
C THR C 8 -14.50 20.00 -9.02
N ASN C 9 -13.43 19.33 -9.40
CA ASN C 9 -13.56 18.22 -10.32
C ASN C 9 -14.50 17.14 -9.80
N VAL C 10 -14.34 16.76 -8.52
CA VAL C 10 -15.20 15.73 -7.93
C VAL C 10 -16.68 16.16 -7.97
N LYS C 11 -16.98 17.37 -7.51
CA LYS C 11 -18.37 17.81 -7.55
C LYS C 11 -18.89 17.85 -8.99
N ALA C 12 -18.10 18.39 -9.92
CA ALA C 12 -18.51 18.44 -11.33
C ALA C 12 -18.75 17.04 -11.95
N ALA C 13 -17.81 16.12 -11.75
CA ALA C 13 -17.96 14.77 -12.31
C ALA C 13 -19.03 13.93 -11.66
N TRP C 14 -19.13 13.98 -10.34
CA TRP C 14 -20.17 13.22 -9.66
C TRP C 14 -21.52 13.83 -10.06
N GLY C 15 -21.52 15.14 -10.27
CA GLY C 15 -22.72 15.84 -10.69
C GLY C 15 -23.07 15.31 -12.06
N LYS C 16 -22.06 15.07 -12.88
CA LYS C 16 -22.29 14.51 -14.20
C LYS C 16 -22.93 13.15 -14.02
N VAL C 17 -22.23 12.26 -13.33
CA VAL C 17 -22.73 10.92 -13.07
C VAL C 17 -24.23 11.04 -12.78
N GLY C 18 -24.58 12.03 -11.97
CA GLY C 18 -25.97 12.27 -11.63
C GLY C 18 -26.85 11.12 -11.18
N ALA C 19 -28.01 11.01 -11.81
CA ALA C 19 -28.99 9.98 -11.46
C ALA C 19 -28.48 8.55 -11.65
N HIS C 20 -27.39 8.40 -12.41
CA HIS C 20 -26.81 7.08 -12.64
C HIS C 20 -25.87 6.58 -11.52
N ALA C 21 -25.82 7.30 -10.40
CA ALA C 21 -24.94 6.92 -9.27
C ALA C 21 -25.18 5.53 -8.68
N GLY C 22 -26.41 5.26 -8.26
CA GLY C 22 -26.73 3.94 -7.72
C GLY C 22 -26.36 2.81 -8.68
N GLU C 23 -26.67 3.01 -9.96
CA GLU C 23 -26.39 2.02 -10.98
C GLU C 23 -24.90 1.73 -11.06
N TYR C 24 -24.10 2.81 -11.04
CA TYR C 24 -22.65 2.70 -11.14
C TYR C 24 -22.05 2.02 -9.91
N GLY C 25 -22.66 2.27 -8.75
CA GLY C 25 -22.21 1.65 -7.53
C GLY C 25 -22.43 0.14 -7.61
N ALA C 26 -23.55 -0.27 -8.20
CA ALA C 26 -23.87 -1.70 -8.30
C ALA C 26 -22.94 -2.39 -9.26
N GLU C 27 -22.64 -1.72 -10.36
CA GLU C 27 -21.76 -2.27 -11.36
C GLU C 27 -20.35 -2.38 -10.77
N ALA C 28 -19.94 -1.38 -9.98
CA ALA C 28 -18.61 -1.40 -9.37
C ALA C 28 -18.53 -2.66 -8.51
N LEU C 29 -19.56 -2.87 -7.72
CA LEU C 29 -19.67 -4.05 -6.85
C LEU C 29 -19.59 -5.32 -7.68
N GLU C 30 -20.38 -5.43 -8.76
CA GLU C 30 -20.34 -6.64 -9.57
C GLU C 30 -18.93 -6.86 -10.13
N ARG C 31 -18.30 -5.78 -10.62
CA ARG C 31 -16.96 -5.88 -11.17
C ARG C 31 -15.97 -6.38 -10.11
N MET C 32 -16.10 -5.86 -8.90
CA MET C 32 -15.21 -6.27 -7.80
C MET C 32 -15.37 -7.77 -7.51
N PHE C 33 -16.59 -8.21 -7.23
CA PHE C 33 -16.85 -9.62 -6.92
C PHE C 33 -16.33 -10.60 -7.99
N LEU C 34 -16.46 -10.22 -9.26
CA LEU C 34 -15.95 -11.07 -10.35
C LEU C 34 -14.44 -11.03 -10.49
N SER C 35 -13.87 -9.84 -10.56
CA SER C 35 -12.43 -9.69 -10.72
C SER C 35 -11.61 -10.09 -9.51
N PHE C 36 -12.16 -9.89 -8.32
CA PHE C 36 -11.45 -10.19 -7.07
C PHE C 36 -12.37 -10.98 -6.12
N PRO C 37 -12.59 -12.28 -6.42
CA PRO C 37 -13.44 -13.23 -5.69
C PRO C 37 -13.33 -13.17 -4.17
N THR C 38 -12.12 -12.97 -3.67
CA THR C 38 -11.93 -12.93 -2.23
C THR C 38 -12.84 -11.90 -1.57
N THR C 39 -13.14 -10.82 -2.28
CA THR C 39 -14.01 -9.79 -1.73
C THR C 39 -15.41 -10.34 -1.36
N LYS C 40 -15.80 -11.44 -2.00
CA LYS C 40 -17.11 -11.99 -1.72
C LYS C 40 -17.26 -12.52 -0.29
N THR C 41 -16.16 -12.87 0.35
CA THR C 41 -16.26 -13.42 1.70
C THR C 41 -16.90 -12.43 2.68
N TYR C 42 -16.98 -11.16 2.29
CA TYR C 42 -17.56 -10.13 3.16
C TYR C 42 -19.06 -10.04 3.03
N PHE C 43 -19.62 -10.69 2.02
CA PHE C 43 -21.07 -10.65 1.78
C PHE C 43 -21.62 -12.07 1.70
N PRO C 44 -21.42 -12.86 2.77
CA PRO C 44 -21.86 -14.25 2.89
C PRO C 44 -23.33 -14.54 2.63
N HIS C 45 -24.23 -13.62 2.97
CA HIS C 45 -25.66 -13.86 2.79
C HIS C 45 -26.30 -13.21 1.57
N PHE C 46 -25.50 -12.57 0.73
CA PHE C 46 -26.05 -11.90 -0.46
C PHE C 46 -26.14 -12.84 -1.64
N ASP C 47 -27.08 -12.55 -2.54
CA ASP C 47 -27.18 -13.30 -3.77
C ASP C 47 -26.24 -12.40 -4.57
N LEU C 48 -25.08 -12.93 -4.94
CA LEU C 48 -24.10 -12.15 -5.67
C LEU C 48 -24.11 -12.43 -7.19
N SER C 49 -25.21 -13.00 -7.69
CA SER C 49 -25.30 -13.33 -9.11
C SER C 49 -25.51 -12.06 -9.90
N HIS C 50 -25.18 -12.11 -11.19
CA HIS C 50 -25.33 -10.94 -12.05
C HIS C 50 -26.75 -10.40 -11.94
N GLY C 51 -26.88 -9.09 -11.75
CA GLY C 51 -28.20 -8.48 -11.67
C GLY C 51 -29.06 -8.71 -10.42
N SER C 52 -28.53 -9.36 -9.40
CA SER C 52 -29.33 -9.61 -8.21
C SER C 52 -29.89 -8.31 -7.64
N ALA C 53 -31.06 -8.40 -7.02
CA ALA C 53 -31.67 -7.21 -6.44
C ALA C 53 -30.85 -6.73 -5.24
N GLN C 54 -30.21 -7.66 -4.55
CA GLN C 54 -29.40 -7.27 -3.40
C GLN C 54 -28.18 -6.41 -3.79
N VAL C 55 -27.42 -6.83 -4.79
CA VAL C 55 -26.24 -6.06 -5.17
C VAL C 55 -26.68 -4.69 -5.67
N LYS C 56 -27.73 -4.64 -6.49
CA LYS C 56 -28.18 -3.35 -6.99
C LYS C 56 -28.62 -2.46 -5.83
N GLY C 57 -29.34 -3.04 -4.88
CA GLY C 57 -29.80 -2.26 -3.74
C GLY C 57 -28.64 -1.78 -2.89
N HIS C 58 -27.63 -2.64 -2.73
CA HIS C 58 -26.45 -2.28 -1.95
C HIS C 58 -25.65 -1.20 -2.70
N GLY C 59 -25.60 -1.33 -4.02
CA GLY C 59 -24.91 -0.35 -4.83
C GLY C 59 -25.50 1.03 -4.63
N LYS C 60 -26.82 1.10 -4.51
CA LYS C 60 -27.46 2.40 -4.29
C LYS C 60 -26.99 2.98 -2.97
N LYS C 61 -26.84 2.12 -1.97
CA LYS C 61 -26.37 2.55 -0.64
C LYS C 61 -24.96 3.12 -0.69
N VAL C 62 -24.05 2.43 -1.40
CA VAL C 62 -22.67 2.86 -1.54
C VAL C 62 -22.65 4.22 -2.24
N ALA C 63 -23.38 4.32 -3.35
CA ALA C 63 -23.46 5.53 -4.15
C ALA C 63 -23.99 6.72 -3.35
N ASP C 64 -25.00 6.48 -2.52
CA ASP C 64 -25.56 7.56 -1.73
C ASP C 64 -24.58 7.99 -0.67
N ALA C 65 -23.78 7.05 -0.15
CA ALA C 65 -22.77 7.40 0.86
C ALA C 65 -21.72 8.28 0.17
N LEU C 66 -21.36 7.93 -1.06
CA LEU C 66 -20.37 8.70 -1.79
C LEU C 66 -20.91 10.08 -2.09
N THR C 67 -22.18 10.14 -2.50
CA THR C 67 -22.79 11.43 -2.81
C THR C 67 -22.76 12.29 -1.55
N ASN C 68 -23.01 11.68 -0.39
CA ASN C 68 -22.99 12.41 0.87
C ASN C 68 -21.56 12.87 1.15
N ALA C 69 -20.59 12.03 0.83
CA ALA C 69 -19.17 12.35 1.03
C ALA C 69 -18.83 13.54 0.15
N VAL C 70 -19.28 13.52 -1.09
CA VAL C 70 -18.99 14.62 -1.98
C VAL C 70 -19.53 15.94 -1.42
N ALA C 71 -20.72 15.87 -0.82
CA ALA C 71 -21.38 17.05 -0.25
C ALA C 71 -20.76 17.57 1.06
N HIS C 72 -19.96 16.76 1.74
CA HIS C 72 -19.31 17.18 2.99
C HIS C 72 -17.81 16.95 2.83
N VAL C 73 -17.34 17.21 1.62
CA VAL C 73 -15.95 16.98 1.30
C VAL C 73 -14.94 17.64 2.24
N ASP C 74 -15.36 18.71 2.93
CA ASP C 74 -14.49 19.41 3.88
C ASP C 74 -14.46 18.83 5.30
N ASP C 75 -15.39 17.93 5.61
CA ASP C 75 -15.39 17.30 6.93
C ASP C 75 -15.94 15.89 6.80
N MET C 76 -15.25 15.06 6.01
CA MET C 76 -15.64 13.68 5.79
C MET C 76 -15.59 12.80 7.04
N PRO C 77 -14.58 12.97 7.90
CA PRO C 77 -14.58 12.13 9.10
C PRO C 77 -15.94 12.21 9.81
N ASN C 78 -16.35 13.45 10.08
CA ASN C 78 -17.61 13.68 10.77
C ASN C 78 -18.79 13.04 10.06
N ALA C 79 -18.95 13.37 8.78
CA ALA C 79 -20.05 12.83 7.98
C ALA C 79 -20.03 11.32 7.81
N LEU C 80 -18.85 10.71 7.80
CA LEU C 80 -18.75 9.26 7.60
C LEU C 80 -18.53 8.46 8.90
N SER C 81 -18.63 9.14 10.03
CA SER C 81 -18.43 8.50 11.33
C SER C 81 -19.14 7.15 11.49
N ALA C 82 -20.42 7.07 11.17
CA ALA C 82 -21.14 5.81 11.34
C ALA C 82 -20.57 4.70 10.44
N LEU C 83 -20.40 5.01 9.16
CA LEU C 83 -19.85 4.03 8.22
C LEU C 83 -18.43 3.67 8.57
N SER C 84 -17.73 4.59 9.21
CA SER C 84 -16.36 4.26 9.57
C SER C 84 -16.40 3.21 10.68
N ASP C 85 -17.26 3.44 11.67
CA ASP C 85 -17.37 2.47 12.74
C ASP C 85 -17.78 1.10 12.13
N LEU C 86 -18.75 1.11 11.21
CA LEU C 86 -19.19 -0.14 10.57
C LEU C 86 -18.06 -0.89 9.87
N HIS C 87 -17.33 -0.22 8.97
CA HIS C 87 -16.25 -0.88 8.23
C HIS C 87 -14.95 -1.14 8.98
N ALA C 88 -14.45 -0.16 9.73
CA ALA C 88 -13.16 -0.33 10.43
C ALA C 88 -13.23 -1.07 11.75
N HIS C 89 -14.26 -0.78 12.54
CA HIS C 89 -14.41 -1.38 13.85
C HIS C 89 -15.20 -2.70 13.90
N LYS C 90 -16.35 -2.73 13.23
CA LYS C 90 -17.19 -3.93 13.26
C LYS C 90 -16.83 -5.05 12.28
N LEU C 91 -16.76 -4.72 10.99
CA LEU C 91 -16.44 -5.71 9.96
C LEU C 91 -14.93 -5.99 9.77
N ARG C 92 -14.07 -5.07 10.19
CA ARG C 92 -12.62 -5.22 10.07
C ARG C 92 -12.22 -5.43 8.60
N VAL C 93 -12.74 -4.60 7.69
CA VAL C 93 -12.42 -4.81 6.28
C VAL C 93 -10.95 -4.53 6.03
N ASP C 94 -10.25 -5.46 5.38
CA ASP C 94 -8.84 -5.23 5.08
C ASP C 94 -8.82 -4.01 4.10
N PRO C 95 -7.95 -3.02 4.34
CA PRO C 95 -7.90 -1.86 3.43
C PRO C 95 -7.64 -2.19 1.96
N VAL C 96 -6.96 -3.29 1.68
CA VAL C 96 -6.71 -3.61 0.28
C VAL C 96 -8.05 -3.67 -0.50
N ASN C 97 -9.13 -4.06 0.19
CA ASN C 97 -10.43 -4.21 -0.46
C ASN C 97 -10.99 -2.88 -0.94
N PHE C 98 -10.67 -1.82 -0.20
CA PHE C 98 -11.11 -0.48 -0.60
C PHE C 98 -10.38 -0.05 -1.88
N LYS C 99 -9.11 -0.43 -2.01
CA LYS C 99 -8.42 -0.10 -3.26
C LYS C 99 -9.11 -0.86 -4.42
N LEU C 100 -9.54 -2.10 -4.16
CA LEU C 100 -10.20 -2.88 -5.22
C LEU C 100 -11.52 -2.25 -5.63
N LEU C 101 -12.38 -1.92 -4.65
CA LEU C 101 -13.67 -1.30 -5.00
C LEU C 101 -13.43 0.04 -5.71
N SER C 102 -12.56 0.87 -5.15
CA SER C 102 -12.24 2.16 -5.76
C SER C 102 -11.86 1.97 -7.23
N HIS C 103 -10.91 1.06 -7.47
CA HIS C 103 -10.50 0.78 -8.83
C HIS C 103 -11.70 0.38 -9.67
N CYS C 104 -12.53 -0.54 -9.19
CA CYS C 104 -13.73 -0.97 -9.95
C CYS C 104 -14.70 0.18 -10.21
N LEU C 105 -14.76 1.14 -9.31
CA LEU C 105 -15.64 2.30 -9.53
C LEU C 105 -15.05 3.21 -10.63
N LEU C 106 -13.74 3.37 -10.63
CA LEU C 106 -13.10 4.19 -11.65
C LEU C 106 -13.25 3.49 -13.01
N VAL C 107 -13.15 2.16 -13.01
CA VAL C 107 -13.31 1.40 -14.25
C VAL C 107 -14.73 1.59 -14.76
N THR C 108 -15.69 1.57 -13.84
CA THR C 108 -17.09 1.72 -14.17
C THR C 108 -17.35 3.12 -14.69
N LEU C 109 -16.75 4.11 -14.06
CA LEU C 109 -16.90 5.49 -14.50
C LEU C 109 -16.34 5.62 -15.90
N ALA C 110 -15.16 5.06 -16.13
CA ALA C 110 -14.53 5.17 -17.43
C ALA C 110 -15.41 4.55 -18.51
N ALA C 111 -16.04 3.44 -18.18
CA ALA C 111 -16.88 2.76 -19.14
C ALA C 111 -18.16 3.52 -19.53
N HIS C 112 -18.64 4.39 -18.66
CA HIS C 112 -19.88 5.15 -18.91
C HIS C 112 -19.64 6.64 -19.22
N LEU C 113 -18.40 7.10 -19.17
CA LEU C 113 -18.16 8.49 -19.42
C LEU C 113 -17.07 8.70 -20.46
N PRO C 114 -17.27 8.19 -21.68
CA PRO C 114 -16.21 8.41 -22.65
C PRO C 114 -15.95 9.89 -22.96
N ALA C 115 -16.94 10.73 -22.68
CA ALA C 115 -16.79 12.16 -22.97
C ALA C 115 -16.33 13.01 -21.79
N GLU C 116 -16.47 12.50 -20.57
CA GLU C 116 -16.10 13.28 -19.40
C GLU C 116 -14.99 12.75 -18.48
N PHE C 117 -14.54 11.51 -18.68
CA PHE C 117 -13.48 10.94 -17.86
C PHE C 117 -12.10 11.41 -18.32
N THR C 118 -11.84 12.70 -18.18
CA THR C 118 -10.55 13.25 -18.57
C THR C 118 -9.50 12.80 -17.53
N PRO C 119 -8.21 12.96 -17.88
CA PRO C 119 -7.12 12.58 -16.97
C PRO C 119 -7.22 13.29 -15.62
N ALA C 120 -7.58 14.57 -15.65
CA ALA C 120 -7.70 15.35 -14.43
C ALA C 120 -8.88 14.87 -13.56
N VAL C 121 -10.00 14.55 -14.21
CA VAL C 121 -11.16 14.05 -13.47
C VAL C 121 -10.81 12.68 -12.82
N HIS C 122 -10.11 11.84 -13.58
CA HIS C 122 -9.65 10.52 -13.17
C HIS C 122 -8.75 10.72 -11.92
N ALA C 123 -7.75 11.61 -12.03
CA ALA C 123 -6.85 11.88 -10.93
C ALA C 123 -7.61 12.36 -9.70
N SER C 124 -8.53 13.32 -9.88
CA SER C 124 -9.29 13.86 -8.75
C SER C 124 -10.20 12.84 -8.06
N LEU C 125 -10.94 12.07 -8.86
CA LEU C 125 -11.82 11.03 -8.35
C LEU C 125 -10.97 9.95 -7.64
N ASP C 126 -9.79 9.65 -8.17
CA ASP C 126 -8.96 8.64 -7.50
C ASP C 126 -8.55 9.09 -6.09
N LYS C 127 -8.18 10.36 -5.95
CA LYS C 127 -7.79 10.90 -4.64
C LYS C 127 -8.99 10.96 -3.68
N PHE C 128 -10.15 11.27 -4.23
CA PHE C 128 -11.37 11.35 -3.43
C PHE C 128 -11.67 9.97 -2.89
N LEU C 129 -11.61 8.98 -3.76
CA LEU C 129 -11.93 7.62 -3.32
C LEU C 129 -10.90 7.11 -2.31
N ALA C 130 -9.64 7.53 -2.46
CA ALA C 130 -8.56 7.12 -1.58
C ALA C 130 -8.77 7.76 -0.21
N SER C 131 -9.26 9.00 -0.24
CA SER C 131 -9.57 9.76 0.97
C SER C 131 -10.75 9.11 1.70
N VAL C 132 -11.85 8.90 0.98
CA VAL C 132 -13.02 8.27 1.56
C VAL C 132 -12.64 6.90 2.13
N SER C 133 -11.76 6.16 1.44
CA SER C 133 -11.33 4.82 1.88
C SER C 133 -10.55 4.89 3.18
N THR C 134 -9.70 5.89 3.30
CA THR C 134 -8.92 6.05 4.52
C THR C 134 -9.83 6.40 5.68
N VAL C 135 -10.85 7.21 5.42
CA VAL C 135 -11.78 7.57 6.49
C VAL C 135 -12.56 6.33 6.97
N LEU C 136 -13.02 5.52 6.04
CA LEU C 136 -13.79 4.33 6.39
C LEU C 136 -12.96 3.22 7.04
N THR C 137 -11.65 3.26 6.89
CA THR C 137 -10.81 2.22 7.48
C THR C 137 -10.08 2.69 8.73
N SER C 138 -10.35 3.92 9.16
CA SER C 138 -9.72 4.47 10.36
C SER C 138 -10.72 4.52 11.51
N LYS C 139 -10.33 4.02 12.68
CA LYS C 139 -11.18 4.01 13.86
C LYS C 139 -10.88 5.25 14.66
N TYR C 140 -11.64 6.33 14.41
CA TYR C 140 -11.39 7.59 15.10
C TYR C 140 -12.39 7.98 16.19
N ARG C 141 -13.07 7.00 16.78
CA ARG C 141 -14.03 7.27 17.86
C ARG C 141 -13.33 7.29 19.22
N VAL D 1 -1.94 -15.38 -15.99
CA VAL D 1 -1.54 -16.73 -15.48
C VAL D 1 -2.60 -17.78 -15.84
N HIS D 2 -3.52 -18.03 -14.93
CA HIS D 2 -4.56 -19.02 -15.12
C HIS D 2 -5.39 -18.81 -16.38
N LEU D 3 -6.42 -17.98 -16.28
CA LEU D 3 -7.30 -17.71 -17.42
C LEU D 3 -7.87 -18.96 -18.07
N THR D 4 -9.17 -19.15 -17.89
CA THR D 4 -9.88 -20.28 -18.45
C THR D 4 -9.96 -20.07 -19.97
N PRO D 5 -10.51 -21.04 -20.70
CA PRO D 5 -10.62 -20.90 -22.16
C PRO D 5 -11.43 -19.68 -22.56
N GLU D 6 -12.58 -19.48 -21.92
CA GLU D 6 -13.44 -18.35 -22.21
C GLU D 6 -12.69 -17.05 -21.95
N GLU D 7 -11.93 -17.02 -20.86
CA GLU D 7 -11.15 -15.84 -20.48
C GLU D 7 -10.06 -15.55 -21.48
N LYS D 8 -9.24 -16.56 -21.78
CA LYS D 8 -8.15 -16.44 -22.73
C LYS D 8 -8.70 -16.00 -24.08
N SER D 9 -9.86 -16.53 -24.44
CA SER D 9 -10.50 -16.19 -25.72
C SER D 9 -11.02 -14.74 -25.75
N ALA D 10 -11.68 -14.32 -24.67
CA ALA D 10 -12.23 -12.97 -24.57
C ALA D 10 -11.13 -11.92 -24.59
N VAL D 11 -10.07 -12.16 -23.81
CA VAL D 11 -8.93 -11.26 -23.73
C VAL D 11 -8.39 -11.00 -25.13
N THR D 12 -8.26 -12.08 -25.91
CA THR D 12 -7.75 -12.01 -27.27
C THR D 12 -8.62 -11.21 -28.21
N ALA D 13 -9.91 -11.51 -28.19
CA ALA D 13 -10.86 -10.80 -29.04
C ALA D 13 -10.76 -9.30 -28.81
N LEU D 14 -10.59 -8.90 -27.55
CA LEU D 14 -10.52 -7.48 -27.24
C LEU D 14 -9.18 -6.85 -27.61
N TRP D 15 -8.09 -7.57 -27.37
CA TRP D 15 -6.76 -7.03 -27.68
C TRP D 15 -6.65 -6.76 -29.17
N GLY D 16 -7.35 -7.58 -29.96
CA GLY D 16 -7.32 -7.43 -31.40
C GLY D 16 -7.83 -6.06 -31.84
N LYS D 17 -8.68 -5.46 -31.00
CA LYS D 17 -9.24 -4.15 -31.32
C LYS D 17 -8.49 -2.97 -30.71
N VAL D 18 -7.48 -3.25 -29.87
CA VAL D 18 -6.72 -2.20 -29.22
C VAL D 18 -5.73 -1.51 -30.15
N ASN D 19 -5.74 -0.18 -30.19
CA ASN D 19 -4.80 0.52 -31.03
C ASN D 19 -3.45 0.49 -30.36
N VAL D 20 -2.47 -0.09 -31.03
CA VAL D 20 -1.14 -0.23 -30.48
C VAL D 20 -0.30 1.03 -30.52
N ASP D 21 -0.77 2.05 -31.23
CA ASP D 21 -0.01 3.28 -31.30
C ASP D 21 -0.36 4.28 -30.22
N GLU D 22 -1.52 4.12 -29.59
CA GLU D 22 -1.94 5.13 -28.61
C GLU D 22 -2.33 4.69 -27.19
N VAL D 23 -2.90 3.50 -27.06
CA VAL D 23 -3.33 3.04 -25.74
C VAL D 23 -2.19 3.01 -24.74
N GLY D 24 -0.98 2.69 -25.20
CA GLY D 24 0.14 2.65 -24.29
C GLY D 24 0.49 4.03 -23.78
N GLY D 25 0.51 5.00 -24.68
CA GLY D 25 0.82 6.34 -24.28
C GLY D 25 -0.21 6.88 -23.32
N GLU D 26 -1.48 6.59 -23.57
CA GLU D 26 -2.54 7.06 -22.70
C GLU D 26 -2.41 6.43 -21.32
N ALA D 27 -2.14 5.12 -21.26
CA ALA D 27 -1.97 4.45 -19.97
C ALA D 27 -0.79 5.09 -19.21
N LEU D 28 0.36 5.21 -19.85
CA LEU D 28 1.53 5.82 -19.21
C LEU D 28 1.26 7.28 -18.87
N GLY D 29 0.61 7.98 -19.78
CA GLY D 29 0.29 9.39 -19.52
C GLY D 29 -0.60 9.57 -18.31
N ARG D 30 -1.59 8.71 -18.15
CA ARG D 30 -2.50 8.82 -17.01
C ARG D 30 -1.81 8.41 -15.71
N LEU D 31 -0.86 7.47 -15.81
CA LEU D 31 -0.10 7.04 -14.63
C LEU D 31 0.63 8.26 -14.06
N LEU D 32 1.24 9.03 -14.96
CA LEU D 32 1.98 10.24 -14.56
C LEU D 32 1.11 11.37 -14.02
N VAL D 33 -0.11 11.47 -14.54
CA VAL D 33 -1.06 12.49 -14.09
C VAL D 33 -1.70 12.08 -12.76
N VAL D 34 -2.15 10.83 -12.67
CA VAL D 34 -2.80 10.32 -11.44
C VAL D 34 -1.85 10.05 -10.26
N TYR D 35 -0.64 9.58 -10.55
CA TYR D 35 0.35 9.29 -9.51
C TYR D 35 1.64 10.06 -9.89
N PRO D 36 1.63 11.38 -9.69
CA PRO D 36 2.73 12.30 -10.01
C PRO D 36 4.12 11.94 -9.57
N TRP D 37 4.28 11.16 -8.51
CA TRP D 37 5.61 10.81 -8.11
C TRP D 37 6.30 9.97 -9.17
N THR D 38 5.50 9.32 -10.03
CA THR D 38 6.06 8.50 -11.09
C THR D 38 6.79 9.34 -12.12
N GLN D 39 6.55 10.64 -12.11
CA GLN D 39 7.22 11.53 -13.06
C GLN D 39 8.70 11.65 -12.76
N ARG D 40 9.12 11.18 -11.59
CA ARG D 40 10.51 11.29 -11.19
C ARG D 40 11.42 10.40 -12.04
N PHE D 41 10.82 9.42 -12.71
CA PHE D 41 11.56 8.48 -13.54
C PHE D 41 11.64 8.90 -15.00
N PHE D 42 11.03 10.04 -15.34
CA PHE D 42 11.02 10.46 -16.75
C PHE D 42 11.44 11.92 -16.94
N GLU D 43 12.42 12.39 -16.16
CA GLU D 43 12.82 13.78 -16.30
C GLU D 43 13.37 14.09 -17.67
N SER D 44 13.90 13.09 -18.38
CA SER D 44 14.45 13.35 -19.69
C SER D 44 13.37 13.42 -20.74
N PHE D 45 12.12 13.17 -20.37
CA PHE D 45 11.02 13.18 -21.34
C PHE D 45 10.51 14.55 -21.77
N GLY D 46 10.80 15.58 -21.00
CA GLY D 46 10.33 16.90 -21.37
C GLY D 46 9.28 17.45 -20.44
N ASP D 47 8.51 18.40 -20.93
CA ASP D 47 7.46 19.05 -20.16
C ASP D 47 6.38 18.04 -19.74
N LEU D 48 6.15 17.94 -18.43
CA LEU D 48 5.16 17.04 -17.85
C LEU D 48 4.38 17.85 -16.80
N SER D 49 4.50 19.16 -16.85
CA SER D 49 3.88 20.06 -15.87
C SER D 49 2.37 20.15 -15.77
N THR D 50 1.64 19.82 -16.83
CA THR D 50 0.18 19.86 -16.78
C THR D 50 -0.36 18.59 -17.41
N PRO D 51 -1.64 18.29 -17.18
CA PRO D 51 -2.17 17.07 -17.81
C PRO D 51 -2.08 17.20 -19.32
N ASP D 52 -2.32 18.39 -19.85
CA ASP D 52 -2.23 18.56 -21.30
C ASP D 52 -0.80 18.35 -21.82
N ALA D 53 0.19 18.83 -21.08
CA ALA D 53 1.58 18.64 -21.48
C ALA D 53 1.93 17.13 -21.44
N VAL D 54 1.46 16.44 -20.39
CA VAL D 54 1.70 15.01 -20.22
C VAL D 54 1.05 14.17 -21.31
N MET D 55 -0.26 14.33 -21.49
CA MET D 55 -0.96 13.55 -22.50
C MET D 55 -0.51 13.90 -23.91
N GLY D 56 0.11 15.07 -24.08
CA GLY D 56 0.60 15.46 -25.38
C GLY D 56 2.09 15.20 -25.62
N ASN D 57 2.80 14.80 -24.57
CA ASN D 57 4.23 14.56 -24.67
C ASN D 57 4.61 13.46 -25.65
N PRO D 58 5.34 13.82 -26.72
CA PRO D 58 5.81 12.91 -27.76
C PRO D 58 6.60 11.72 -27.20
N LYS D 59 7.44 12.00 -26.20
CA LYS D 59 8.25 10.95 -25.56
C LYS D 59 7.34 10.02 -24.77
N VAL D 60 6.28 10.56 -24.16
CA VAL D 60 5.34 9.73 -23.42
C VAL D 60 4.60 8.84 -24.41
N LYS D 61 4.19 9.39 -25.55
CA LYS D 61 3.52 8.58 -26.58
C LYS D 61 4.40 7.43 -27.08
N ALA D 62 5.62 7.79 -27.51
CA ALA D 62 6.57 6.80 -28.03
C ALA D 62 6.92 5.73 -27.01
N HIS D 63 7.23 6.14 -25.78
CA HIS D 63 7.58 5.15 -24.77
C HIS D 63 6.37 4.26 -24.48
N GLY D 64 5.18 4.86 -24.46
CA GLY D 64 3.97 4.09 -24.21
C GLY D 64 3.74 2.97 -25.23
N LYS D 65 4.20 3.17 -26.45
CA LYS D 65 4.04 2.14 -27.48
C LYS D 65 4.90 0.91 -27.12
N LYS D 66 6.10 1.14 -26.59
CA LYS D 66 6.97 0.04 -26.19
C LYS D 66 6.34 -0.69 -25.01
N VAL D 67 5.77 0.07 -24.08
CA VAL D 67 5.10 -0.50 -22.91
C VAL D 67 3.98 -1.44 -23.39
N LEU D 68 3.13 -0.91 -24.26
CA LEU D 68 2.01 -1.67 -24.80
C LEU D 68 2.54 -2.89 -25.52
N GLY D 69 3.63 -2.70 -26.23
CA GLY D 69 4.26 -3.78 -26.97
C GLY D 69 4.68 -4.92 -26.04
N ALA D 70 5.06 -4.60 -24.80
CA ALA D 70 5.47 -5.63 -23.86
C ALA D 70 4.24 -6.38 -23.37
N PHE D 71 3.14 -5.65 -23.18
CA PHE D 71 1.89 -6.26 -22.76
C PHE D 71 1.41 -7.21 -23.86
N SER D 72 1.56 -6.79 -25.11
CA SER D 72 1.16 -7.62 -26.25
C SER D 72 1.99 -8.89 -26.19
N ASP D 73 3.25 -8.76 -25.75
CA ASP D 73 4.15 -9.89 -25.61
C ASP D 73 3.62 -10.84 -24.57
N GLY D 74 3.31 -10.29 -23.40
CA GLY D 74 2.78 -11.12 -22.34
C GLY D 74 1.55 -11.92 -22.75
N LEU D 75 0.68 -11.29 -23.54
CA LEU D 75 -0.55 -11.94 -23.98
C LEU D 75 -0.24 -13.15 -24.87
N ALA D 76 0.77 -13.01 -25.71
CA ALA D 76 1.13 -14.11 -26.61
C ALA D 76 1.80 -15.26 -25.86
N HIS D 77 2.13 -15.03 -24.59
CA HIS D 77 2.80 -16.04 -23.77
C HIS D 77 2.26 -16.13 -22.34
N LEU D 78 0.93 -16.12 -22.20
CA LEU D 78 0.30 -16.17 -20.87
C LEU D 78 0.80 -17.25 -19.94
N ASP D 79 1.34 -18.33 -20.50
CA ASP D 79 1.84 -19.44 -19.69
C ASP D 79 3.25 -19.24 -19.20
N ASN D 80 3.93 -18.20 -19.69
CA ASN D 80 5.29 -17.92 -19.22
C ASN D 80 5.60 -16.42 -19.13
N LEU D 81 4.80 -15.71 -18.34
CA LEU D 81 4.97 -14.28 -18.14
C LEU D 81 6.29 -13.96 -17.46
N LYS D 82 6.66 -14.80 -16.50
CA LYS D 82 7.91 -14.60 -15.77
C LYS D 82 9.08 -14.62 -16.71
N GLY D 83 9.11 -15.59 -17.62
CA GLY D 83 10.19 -15.70 -18.56
C GLY D 83 10.15 -14.54 -19.53
N THR D 84 8.95 -14.26 -20.03
CA THR D 84 8.76 -13.18 -20.99
C THR D 84 9.27 -11.83 -20.52
N PHE D 85 9.08 -11.54 -19.23
CA PHE D 85 9.47 -10.24 -18.68
C PHE D 85 10.79 -10.23 -17.93
N ALA D 86 11.52 -11.33 -17.99
CA ALA D 86 12.80 -11.45 -17.29
C ALA D 86 13.73 -10.26 -17.51
N THR D 87 13.89 -9.87 -18.78
CA THR D 87 14.75 -8.73 -19.12
C THR D 87 14.18 -7.40 -18.59
N LEU D 88 12.87 -7.21 -18.71
CA LEU D 88 12.27 -5.95 -18.24
C LEU D 88 12.32 -5.86 -16.73
N SER D 89 12.15 -7.01 -16.08
CA SER D 89 12.18 -7.17 -14.63
C SER D 89 13.55 -6.78 -14.06
N GLU D 90 14.62 -7.15 -14.77
CA GLU D 90 15.97 -6.80 -14.34
C GLU D 90 16.14 -5.30 -14.55
N LEU D 91 15.60 -4.77 -15.65
CA LEU D 91 15.70 -3.33 -15.89
C LEU D 91 14.99 -2.49 -14.82
N HIS D 92 13.73 -2.84 -14.56
CA HIS D 92 12.92 -2.10 -13.60
C HIS D 92 13.30 -2.30 -12.14
N CYS D 93 13.66 -3.53 -11.76
CA CYS D 93 14.01 -3.78 -10.37
C CYS D 93 15.46 -3.44 -10.01
N ASP D 94 16.42 -4.03 -10.72
CA ASP D 94 17.84 -3.85 -10.44
C ASP D 94 18.51 -2.56 -10.91
N LYS D 95 18.04 -2.01 -12.03
CA LYS D 95 18.64 -0.82 -12.55
C LYS D 95 17.89 0.43 -12.06
N LEU D 96 16.59 0.48 -12.37
CA LEU D 96 15.75 1.63 -12.01
C LEU D 96 15.19 1.62 -10.60
N HIS D 97 15.06 0.43 -10.01
CA HIS D 97 14.53 0.32 -8.66
C HIS D 97 13.15 0.95 -8.53
N VAL D 98 12.29 0.64 -9.48
CA VAL D 98 10.91 1.13 -9.48
C VAL D 98 10.17 0.31 -8.42
N ASP D 99 9.59 0.96 -7.42
CA ASP D 99 8.88 0.17 -6.42
C ASP D 99 7.81 -0.66 -7.11
N PRO D 100 7.71 -1.96 -6.78
CA PRO D 100 6.70 -2.83 -7.40
C PRO D 100 5.21 -2.43 -7.35
N GLU D 101 4.78 -1.72 -6.32
CA GLU D 101 3.38 -1.28 -6.29
C GLU D 101 3.02 -0.46 -7.55
N ASN D 102 4.01 0.25 -8.10
CA ASN D 102 3.75 1.05 -9.31
C ASN D 102 3.42 0.15 -10.53
N PHE D 103 3.96 -1.07 -10.58
CA PHE D 103 3.65 -2.00 -11.69
C PHE D 103 2.14 -2.32 -11.59
N ARG D 104 1.66 -2.50 -10.35
CA ARG D 104 0.27 -2.79 -10.13
C ARG D 104 -0.56 -1.58 -10.57
N LEU D 105 -0.08 -0.37 -10.26
CA LEU D 105 -0.80 0.86 -10.63
C LEU D 105 -0.89 1.05 -12.14
N LEU D 106 0.21 0.85 -12.86
CA LEU D 106 0.14 1.06 -14.31
C LEU D 106 -0.81 0.01 -14.91
N GLY D 107 -0.77 -1.18 -14.33
CA GLY D 107 -1.62 -2.24 -14.80
C GLY D 107 -3.08 -1.85 -14.68
N ASN D 108 -3.47 -1.31 -13.53
CA ASN D 108 -4.87 -0.94 -13.35
C ASN D 108 -5.25 0.27 -14.15
N VAL D 109 -4.28 1.18 -14.36
CA VAL D 109 -4.49 2.36 -15.17
C VAL D 109 -4.77 1.88 -16.61
N LEU D 110 -4.04 0.87 -17.07
CA LEU D 110 -4.29 0.34 -18.42
C LEU D 110 -5.72 -0.20 -18.48
N VAL D 111 -6.16 -0.87 -17.42
CA VAL D 111 -7.51 -1.41 -17.41
C VAL D 111 -8.54 -0.27 -17.54
N CYS D 112 -8.32 0.83 -16.83
CA CYS D 112 -9.23 1.98 -16.96
C CYS D 112 -9.22 2.49 -18.40
N VAL D 113 -8.05 2.56 -19.02
CA VAL D 113 -7.98 3.05 -20.39
C VAL D 113 -8.74 2.14 -21.35
N LEU D 114 -8.65 0.83 -21.12
CA LEU D 114 -9.34 -0.16 -21.94
C LEU D 114 -10.84 0.05 -21.80
N ALA D 115 -11.28 0.26 -20.56
CA ALA D 115 -12.68 0.49 -20.28
C ALA D 115 -13.15 1.78 -20.94
N HIS D 116 -12.25 2.75 -20.99
CA HIS D 116 -12.54 4.04 -21.58
C HIS D 116 -12.76 3.91 -23.09
N HIS D 117 -11.97 3.05 -23.73
CA HIS D 117 -12.05 2.86 -25.17
C HIS D 117 -13.18 1.95 -25.59
N PHE D 118 -13.39 0.88 -24.84
CA PHE D 118 -14.41 -0.09 -25.21
C PHE D 118 -15.81 0.06 -24.65
N GLY D 119 -15.95 0.89 -23.60
CA GLY D 119 -17.25 1.13 -23.01
C GLY D 119 -17.96 -0.07 -22.47
N LYS D 120 -19.21 -0.23 -22.90
CA LYS D 120 -20.03 -1.34 -22.44
C LYS D 120 -19.43 -2.67 -22.89
N GLU D 121 -18.58 -2.65 -23.93
CA GLU D 121 -17.94 -3.88 -24.39
C GLU D 121 -16.94 -4.38 -23.29
N PHE D 122 -16.45 -3.47 -22.47
CA PHE D 122 -15.54 -3.89 -21.40
C PHE D 122 -16.40 -4.35 -20.20
N THR D 123 -17.01 -5.53 -20.39
CA THR D 123 -17.89 -6.15 -19.40
C THR D 123 -17.15 -6.63 -18.15
N PRO D 124 -17.88 -6.83 -17.05
CA PRO D 124 -17.20 -7.29 -15.83
C PRO D 124 -16.41 -8.58 -16.13
N PRO D 125 -16.99 -9.52 -16.93
CA PRO D 125 -16.23 -10.75 -17.20
C PRO D 125 -14.94 -10.47 -17.96
N VAL D 126 -15.01 -9.56 -18.93
CA VAL D 126 -13.83 -9.20 -19.71
C VAL D 126 -12.83 -8.52 -18.75
N GLN D 127 -13.30 -7.62 -17.89
CA GLN D 127 -12.38 -7.00 -16.95
C GLN D 127 -11.71 -8.05 -16.07
N ALA D 128 -12.51 -8.95 -15.52
CA ALA D 128 -12.01 -10.00 -14.65
C ALA D 128 -10.85 -10.76 -15.32
N ALA D 129 -11.01 -11.06 -16.61
CA ALA D 129 -9.99 -11.76 -17.34
C ALA D 129 -8.75 -10.87 -17.45
N TYR D 130 -8.95 -9.59 -17.73
CA TYR D 130 -7.81 -8.69 -17.83
C TYR D 130 -7.12 -8.37 -16.49
N GLN D 131 -7.82 -8.52 -15.36
CA GLN D 131 -7.16 -8.26 -14.08
C GLN D 131 -6.17 -9.40 -13.83
N LYS D 132 -6.51 -10.60 -14.31
CA LYS D 132 -5.61 -11.74 -14.13
C LYS D 132 -4.32 -11.51 -14.92
N VAL D 133 -4.46 -10.96 -16.12
CA VAL D 133 -3.32 -10.66 -16.97
C VAL D 133 -2.42 -9.54 -16.38
N VAL D 134 -2.97 -8.37 -16.08
CA VAL D 134 -2.12 -7.32 -15.53
C VAL D 134 -1.49 -7.71 -14.17
N ALA D 135 -2.18 -8.51 -13.36
CA ALA D 135 -1.58 -8.94 -12.11
C ALA D 135 -0.42 -9.89 -12.46
N GLY D 136 -0.61 -10.72 -13.49
CA GLY D 136 0.46 -11.65 -13.90
C GLY D 136 1.70 -10.87 -14.37
N VAL D 137 1.45 -9.85 -15.18
CA VAL D 137 2.51 -9.01 -15.70
C VAL D 137 3.24 -8.28 -14.58
N ALA D 138 2.49 -7.64 -13.67
CA ALA D 138 3.15 -6.93 -12.58
C ALA D 138 3.96 -7.93 -11.72
N ASN D 139 3.40 -9.08 -11.37
CA ASN D 139 4.17 -10.04 -10.57
C ASN D 139 5.41 -10.49 -11.32
N ALA D 140 5.26 -10.70 -12.61
CA ALA D 140 6.37 -11.09 -13.46
C ALA D 140 7.44 -9.99 -13.46
N LEU D 141 7.02 -8.73 -13.59
CA LEU D 141 7.97 -7.63 -13.60
C LEU D 141 8.73 -7.42 -12.29
N ALA D 142 8.12 -7.83 -11.18
CA ALA D 142 8.71 -7.70 -9.86
C ALA D 142 9.44 -8.99 -9.46
N HIS D 143 9.58 -9.92 -10.39
CA HIS D 143 10.24 -11.18 -10.08
C HIS D 143 11.63 -11.04 -9.48
N LYS D 144 12.45 -10.18 -10.06
CA LYS D 144 13.81 -9.99 -9.57
C LYS D 144 13.82 -9.41 -8.17
N TYR D 145 12.64 -9.14 -7.64
CA TYR D 145 12.49 -8.60 -6.30
C TYR D 145 12.21 -9.76 -5.34
N HIS D 146 12.20 -10.98 -5.87
CA HIS D 146 11.94 -12.17 -5.05
C HIS D 146 13.15 -13.11 -4.92
O1 OXY E . 13.22 13.98 5.07
O2 OXY E . 14.26 13.31 5.20
CHA HEM F . 13.75 17.60 3.33
CHB HEM F . 10.69 16.23 6.83
CHC HEM F . 10.13 11.86 4.77
CHD HEM F . 13.47 13.06 1.42
C1A HEM F . 12.94 17.60 4.48
C2A HEM F . 12.99 18.60 5.49
C3A HEM F . 12.09 18.26 6.44
C4A HEM F . 11.58 16.96 6.08
CMA HEM F . 11.73 19.07 7.66
CAA HEM F . 14.16 19.49 5.75
CBA HEM F . 13.96 20.79 5.04
CGA HEM F . 14.78 21.91 5.66
O1A HEM F . 16.01 21.88 5.51
O2A HEM F . 14.20 22.80 6.31
C1B HEM F . 10.26 14.91 6.56
C2B HEM F . 9.27 14.21 7.39
C3B HEM F . 9.08 12.99 6.81
C4B HEM F . 9.98 12.96 5.63
CMB HEM F . 8.70 14.77 8.70
CAB HEM F . 8.21 11.95 7.22
CBB HEM F . 8.05 11.36 8.50
C1C HEM F . 10.97 11.82 3.66
C2C HEM F . 11.19 10.63 2.83
C3C HEM F . 12.16 10.96 1.91
C4C HEM F . 12.50 12.37 2.13
CMC HEM F . 10.48 9.29 3.00
CAC HEM F . 12.90 10.12 1.07
CBC HEM F . 13.32 8.81 1.47
C1D HEM F . 13.88 14.40 1.72
C2D HEM F . 14.86 15.15 0.97
C3D HEM F . 14.89 16.41 1.47
C4D HEM F . 13.96 16.45 2.52
CMD HEM F . 15.64 14.54 -0.16
CAD HEM F . 15.88 17.50 1.14
CBD HEM F . 17.18 17.32 1.94
CGD HEM F . 18.26 18.28 1.46
O1D HEM F . 18.65 18.20 0.29
O2D HEM F . 18.73 19.13 2.27
NA HEM F . 12.13 16.53 4.89
NB HEM F . 10.66 14.13 5.47
NC HEM F . 11.77 12.88 3.22
ND HEM F . 13.35 15.20 2.69
FE HEM F . 11.96 14.73 4.04
C1 3R5 G . -6.20 9.90 9.45
C2 3R5 G . -5.29 9.24 8.46
C3 3R5 G . -4.72 10.00 7.37
C4 3R5 G . -3.83 9.33 6.42
C5 3R5 G . -3.50 7.93 6.56
C6 3R5 G . -4.07 7.16 7.66
C7 3R5 G . -4.99 7.85 8.62
O8 3R5 G . -3.72 5.81 7.74
C9 3R5 G . -3.76 5.20 9.06
O10 3R5 G . -5.08 11.36 7.34
C11 3R5 G . -4.55 12.25 6.35
C12 3R5 G . -5.11 13.62 6.63
C13 3R5 G . -5.85 14.34 5.63
N14 3R5 G . -6.36 15.63 5.98
C15 3R5 G . -6.14 16.20 7.25
C16 3R5 G . -5.42 15.52 8.23
C17 3R5 G . -4.90 14.23 7.93
C1 3R5 H . 15.59 22.15 2.59
C2 3R5 H . 15.01 22.50 1.28
C3 3R5 H . 14.06 23.59 1.13
C4 3R5 H . 13.53 23.89 -0.23
C5 3R5 H . 14.00 23.13 -1.39
C6 3R5 H . 14.97 22.03 -1.19
C7 3R5 H . 15.48 21.76 0.16
O8 3R5 H . 15.42 21.31 -2.35
C9 3R5 H . 16.41 20.25 -2.16
O10 3R5 H . 13.66 24.21 2.32
C11 3R5 H . 12.66 25.28 2.29
C12 3R5 H . 11.40 24.61 2.78
C13 3R5 H . 11.17 24.46 4.22
N14 3R5 H . 9.96 23.80 4.65
C15 3R5 H . 9.05 23.31 3.69
C16 3R5 H . 9.28 23.45 2.29
C17 3R5 H . 10.47 24.11 1.80
O18 3R5 H . 16.47 21.20 2.69
O1 OXY I . 0.26 -16.67 11.48
O2 OXY I . -0.05 -15.92 12.42
CHA HEM J . -1.22 -20.16 10.59
CHB HEM J . 3.33 -18.68 10.16
CHC HEM J . 1.71 -14.37 8.65
CHD HEM J . -2.91 -15.78 9.52
C1A HEM J . 0.16 -20.13 10.64
C2A HEM J . 0.99 -21.25 11.09
C3A HEM J . 2.25 -20.82 10.98
C4A HEM J . 2.21 -19.45 10.47
CMA HEM J . 3.46 -21.62 11.46
CAA HEM J . 0.51 -22.61 11.61
CBA HEM J . 0.61 -23.68 10.51
CGA HEM J . -0.05 -25.01 10.89
O1A HEM J . 0.46 -26.07 10.47
O2A HEM J . -1.07 -25.00 11.61
C1B HEM J . 3.29 -17.37 9.63
C2B HEM J . 4.48 -16.54 9.28
C3B HEM J . 4.06 -15.34 8.82
C4B HEM J . 2.59 -15.40 8.91
CMB HEM J . 5.96 -16.95 9.43
CAB HEM J . 4.99 -14.38 8.40
CBB HEM J . 4.74 -13.07 7.85
C1C HEM J . 0.30 -14.35 8.78
C2C HEM J . -0.51 -13.19 8.59
C3C HEM J . -1.80 -13.60 8.78
C4C HEM J . -1.77 -14.96 9.20
CMC HEM J . 0.07 -11.80 8.28
CAC HEM J . -2.96 -12.85 8.64
CBC HEM J . -3.06 -11.54 9.27
C1D HEM J . -2.86 -17.14 9.86
C2D HEM J . -4.01 -17.99 10.19
C3D HEM J . -3.52 -19.18 10.48
C4D HEM J . -2.07 -19.13 10.29
CMD HEM J . -5.49 -17.64 10.18
CAD HEM J . -4.40 -20.28 11.05
CBD HEM J . -4.55 -20.02 12.53
CGD HEM J . -5.85 -20.60 13.11
O1D HEM J . -6.94 -20.10 12.77
O2D HEM J . -5.77 -21.55 13.92
NA HEM J . 0.92 -19.04 10.29
NB HEM J . 2.15 -16.64 9.39
NC HEM J . -0.47 -15.42 9.17
ND HEM J . -1.66 -17.87 9.96
FE HEM J . 0.23 -17.20 9.70
S SO4 K . 15.76 -18.59 -1.79
O1 SO4 K . 17.20 -18.75 -2.13
O2 SO4 K . 15.56 -18.79 -0.34
O3 SO4 K . 14.96 -19.62 -2.52
O4 SO4 K . 15.32 -17.23 -2.17
S SO4 L . 8.11 -15.56 -7.87
O1 SO4 L . 9.51 -15.27 -7.48
O2 SO4 L . 8.07 -16.68 -8.83
O3 SO4 L . 7.51 -14.36 -8.48
O4 SO4 L . 7.35 -15.93 -6.65
O1 OXY M . -20.05 -1.59 0.97
O2 OXY M . -20.15 -2.14 -0.07
CHA HEM N . -22.13 -1.86 4.25
CHB HEM N . -20.50 2.10 1.98
CHC HEM N . -16.45 -0.20 0.85
CHD HEM N . -18.09 -4.27 2.91
C1A HEM N . -22.07 -0.62 3.70
C2A HEM N . -23.16 0.36 3.71
C3A HEM N . -22.72 1.46 3.09
C4A HEM N . -21.35 1.19 2.65
CMA HEM N . -23.56 2.68 2.81
CAA HEM N . -24.55 0.24 4.32
CBA HEM N . -24.43 0.67 5.77
CGA HEM N . -25.75 0.54 6.53
O1A HEM N . -26.46 -0.46 6.31
O2A HEM N . -26.04 1.44 7.36
C1B HEM N . -19.21 1.86 1.56
C2B HEM N . -18.41 2.83 0.80
C3B HEM N . -17.29 2.14 0.41
C4B HEM N . -17.42 0.78 0.94
CMB HEM N . -18.76 4.29 0.55
CAB HEM N . -16.18 2.61 -0.25
CBB HEM N . -16.10 3.76 -1.07
C1C HEM N . -16.52 -1.53 1.29
C2C HEM N . -15.58 -2.57 0.91
C3C HEM N . -16.04 -3.72 1.48
C4C HEM N . -17.30 -3.39 2.13
CMC HEM N . -14.26 -2.33 0.19
CAC HEM N . -15.35 -4.91 1.68
CBC HEM N . -15.09 -5.82 0.62
C1D HEM N . -19.33 -3.94 3.48
C2D HEM N . -20.24 -4.90 4.07
C3D HEM N . -21.35 -4.23 4.44
C4D HEM N . -21.17 -2.87 4.07
CMD HEM N . -19.94 -6.37 4.35
CAD HEM N . -22.52 -4.79 5.19
CBD HEM N . -23.49 -5.53 4.25
CGD HEM N . -24.78 -5.98 4.97
O1D HEM N . -24.68 -6.79 5.92
O2D HEM N . -25.87 -5.50 4.60
NA HEM N . -20.98 -0.12 3.00
NB HEM N . -18.61 0.63 1.63
NC HEM N . -17.59 -2.06 1.99
ND HEM N . -19.93 -2.72 3.43
FE HEM N . -19.26 -1.08 2.54
C1 3R5 O . -6.31 13.58 1.62
C2 3R5 O . -6.08 12.10 1.60
C3 3R5 O . -6.60 11.25 2.67
C4 3R5 O . -6.35 9.82 2.60
C5 3R5 O . -5.61 9.24 1.51
C6 3R5 O . -5.11 10.11 0.43
C7 3R5 O . -5.34 11.55 0.51
O8 3R5 O . -4.40 9.57 -0.67
C9 3R5 O . -3.94 8.17 -0.52
O10 3R5 O . -7.35 11.91 3.67
C11 3R5 O . -7.96 11.22 4.78
C12 3R5 O . -8.70 12.30 5.54
C13 3R5 O . -8.42 12.59 6.90
N14 3R5 O . -9.14 13.64 7.52
C15 3R5 O . -10.13 14.38 6.84
C16 3R5 O . -10.43 14.11 5.51
C17 3R5 O . -9.71 13.07 4.84
O1 OXY P . 7.66 1.87 -18.62
O2 OXY P . 7.01 2.92 -18.62
CHA HEM Q . 11.41 1.25 -19.63
CHB HEM Q . 7.64 -1.82 -19.96
CHC HEM Q . 6.11 -0.07 -15.70
CHD HEM Q . 9.62 3.20 -15.61
C1A HEM Q . 10.46 0.32 -20.12
C2A HEM Q . 10.55 -0.34 -21.39
C3A HEM Q . 9.51 -1.17 -21.51
C4A HEM Q . 8.69 -0.98 -20.34
CMA HEM Q . 9.31 -2.19 -22.62
CAA HEM Q . 11.65 -0.04 -22.40
CBA HEM Q . 12.75 -1.09 -22.29
CGA HEM Q . 13.92 -0.79 -23.23
O1A HEM Q . 13.69 -0.58 -24.44
O2A HEM Q . 15.07 -0.77 -22.73
C1B HEM Q . 6.95 -1.68 -18.76
C2B HEM Q . 5.81 -2.53 -18.36
C3B HEM Q . 5.36 -2.03 -17.24
C4B HEM Q . 6.24 -0.89 -16.85
CMB HEM Q . 5.15 -3.71 -19.05
CAB HEM Q . 4.19 -2.52 -16.66
CBB HEM Q . 3.93 -2.54 -15.30
C1C HEM Q . 6.88 1.02 -15.31
C2C HEM Q . 6.62 1.84 -14.10
C3C HEM Q . 7.62 2.78 -14.09
C4C HEM Q . 8.44 2.53 -15.29
CMC HEM Q . 5.51 1.64 -13.12
CAC HEM Q . 7.81 3.86 -13.20
CBC HEM Q . 6.83 4.39 -12.26
C1D HEM Q . 10.43 2.97 -16.73
C2D HEM Q . 11.62 3.76 -17.10
C3D HEM Q . 12.12 3.25 -18.22
C4D HEM Q . 11.31 2.06 -18.50
CMD HEM Q . 12.25 4.87 -16.29
CAD HEM Q . 12.76 4.14 -19.25
CBD HEM Q . 14.08 4.79 -18.95
CGD HEM Q . 14.46 5.79 -20.00
O1D HEM Q . 14.41 5.44 -21.20
O2D HEM Q . 14.79 6.94 -19.62
NA HEM Q . 9.27 -0.02 -19.53
NB HEM Q . 7.21 -0.69 -17.80
NC HEM Q . 7.97 1.47 -16.01
ND HEM Q . 10.24 1.96 -17.64
FE HEM Q . 8.71 0.63 -17.72
S SO4 R . 3.79 -17.36 -15.11
O1 SO4 R . 3.56 -18.78 -14.75
O2 SO4 R . 5.22 -17.18 -15.43
O3 SO4 R . 3.41 -16.51 -13.96
O4 SO4 R . 2.96 -17.01 -16.27
#